data_6FCI
#
_entry.id   6FCI
#
_cell.length_a   49.710
_cell.length_b   49.790
_cell.length_c   71.490
_cell.angle_alpha   90.050
_cell.angle_beta   93.480
_cell.angle_gamma   101.910
#
_symmetry.space_group_name_H-M   'P 1'
#
loop_
_entity.id
_entity.type
_entity.pdbx_description
1 polymer 'Adenine phosphoribosyltransferase'
2 non-polymer 'MAGNESIUM ION'
3 non-polymer 1-O-pyrophosphono-5-O-phosphono-alpha-D-ribofuranose
4 non-polymer ADENINE
5 water water
#
_entity_poly.entity_id   1
_entity_poly.type   'polypeptide(L)'
_entity_poly.pdbx_seq_one_letter_code
;ADSELQLVEQRIRSFPDFPTPGVVFRDISPVLKDPASFRAAIGLLARHLKATHGGRIDYIAGLDSRGFLFGPSLAQELGL
GCVLIRKRGKLPGPTLWASYSLEYGKAELEIQKDALEPGQRVVVVDDLLATGGTMNAACELLGRLQAEVLECVSLVELTS
LKGREKLAPVPFFSLLQYE
;
_entity_poly.pdbx_strand_id   A,B,C,D
#
# COMPACT_ATOMS: atom_id res chain seq x y z
N ALA A 1 -25.59 -23.12 2.57
CA ALA A 1 -25.16 -21.86 3.25
C ALA A 1 -24.94 -22.10 4.74
N ASP A 2 -23.70 -21.88 5.19
CA ASP A 2 -23.33 -22.12 6.59
C ASP A 2 -24.06 -21.15 7.53
N SER A 3 -24.80 -21.71 8.47
CA SER A 3 -25.50 -20.89 9.47
CA SER A 3 -25.49 -20.90 9.48
C SER A 3 -24.52 -20.03 10.27
N GLU A 4 -23.31 -20.56 10.49
CA GLU A 4 -22.28 -19.84 11.23
C GLU A 4 -21.90 -18.53 10.52
N LEU A 5 -21.80 -18.60 9.19
CA LEU A 5 -21.45 -17.44 8.39
C LEU A 5 -22.59 -16.43 8.40
N GLN A 6 -23.82 -16.93 8.42
CA GLN A 6 -25.01 -16.08 8.50
C GLN A 6 -25.07 -15.28 9.81
N LEU A 7 -24.69 -15.90 10.93
CA LEU A 7 -24.66 -15.20 12.21
C LEU A 7 -23.77 -13.96 12.14
N VAL A 8 -22.68 -14.07 11.39
CA VAL A 8 -21.76 -12.95 11.21
C VAL A 8 -22.35 -11.93 10.25
N GLU A 9 -22.73 -12.40 9.07
CA GLU A 9 -23.24 -11.54 8.01
C GLU A 9 -24.41 -10.68 8.50
N GLN A 10 -25.30 -11.30 9.27
CA GLN A 10 -26.51 -10.62 9.75
C GLN A 10 -26.19 -9.45 10.66
N ARG A 11 -24.94 -9.37 11.12
CA ARG A 11 -24.56 -8.34 12.09
C ARG A 11 -23.66 -7.26 11.52
N ILE A 12 -23.52 -7.24 10.19
CA ILE A 12 -22.81 -6.15 9.54
C ILE A 12 -23.80 -5.09 9.10
N ARG A 13 -23.51 -3.84 9.42
CA ARG A 13 -24.34 -2.77 8.92
C ARG A 13 -23.54 -1.68 8.21
N SER A 14 -24.20 -1.12 7.21
CA SER A 14 -23.55 -0.25 6.24
C SER A 14 -24.03 1.19 6.34
N PHE A 15 -23.06 2.08 6.21
CA PHE A 15 -23.29 3.52 6.20
C PHE A 15 -22.63 4.11 4.97
N PRO A 16 -23.44 4.75 4.12
CA PRO A 16 -22.85 5.40 2.95
C PRO A 16 -22.15 6.71 3.27
N ASP A 17 -21.06 6.98 2.57
CA ASP A 17 -20.42 8.29 2.58
C ASP A 17 -19.75 8.58 3.93
N PHE A 18 -19.28 7.52 4.57
CA PHE A 18 -18.47 7.66 5.77
C PHE A 18 -17.16 6.88 5.63
N PRO A 19 -16.03 7.49 5.98
CA PRO A 19 -15.98 8.82 6.58
C PRO A 19 -15.83 9.94 5.55
N THR A 20 -15.99 9.58 4.28
CA THR A 20 -15.76 10.50 3.18
C THR A 20 -16.63 10.10 2.01
N PRO A 21 -17.01 11.07 1.16
CA PRO A 21 -17.94 10.77 0.09
C PRO A 21 -17.52 9.58 -0.75
N GLY A 22 -18.46 8.68 -1.02
CA GLY A 22 -18.23 7.58 -1.95
C GLY A 22 -17.78 6.30 -1.27
N VAL A 23 -17.47 6.39 0.02
CA VAL A 23 -17.18 5.20 0.82
C VAL A 23 -18.46 4.61 1.40
N VAL A 24 -18.64 3.32 1.19
CA VAL A 24 -19.69 2.55 1.87
C VAL A 24 -19.11 1.81 3.06
N PHE A 25 -19.35 2.35 4.25
CA PHE A 25 -18.65 1.91 5.44
C PHE A 25 -19.34 0.70 6.04
N ARG A 26 -18.58 -0.38 6.22
CA ARG A 26 -19.10 -1.58 6.87
C ARG A 26 -18.81 -1.56 8.37
N ASP A 27 -19.87 -1.47 9.16
CA ASP A 27 -19.74 -1.35 10.61
C ASP A 27 -19.78 -2.73 11.27
N ILE A 28 -18.68 -3.10 11.92
CA ILE A 28 -18.57 -4.39 12.58
C ILE A 28 -19.16 -4.39 13.99
N SER A 29 -19.56 -3.22 14.48
CA SER A 29 -19.93 -3.07 15.90
C SER A 29 -20.98 -4.09 16.33
N PRO A 30 -21.97 -4.36 15.46
CA PRO A 30 -23.01 -5.30 15.86
C PRO A 30 -22.49 -6.72 16.06
N VAL A 31 -21.42 -7.07 15.36
CA VAL A 31 -20.81 -8.40 15.52
C VAL A 31 -20.23 -8.54 16.93
N LEU A 32 -19.62 -7.46 17.42
CA LEU A 32 -19.01 -7.44 18.74
C LEU A 32 -20.07 -7.44 19.83
N LYS A 33 -21.20 -6.80 19.55
CA LYS A 33 -22.26 -6.62 20.54
C LYS A 33 -23.10 -7.89 20.71
N ASP A 34 -23.12 -8.72 19.68
CA ASP A 34 -23.79 -10.01 19.72
C ASP A 34 -22.78 -11.13 20.01
N PRO A 35 -22.76 -11.63 21.25
CA PRO A 35 -21.78 -12.65 21.63
C PRO A 35 -21.85 -13.89 20.74
N ALA A 36 -23.05 -14.26 20.31
CA ALA A 36 -23.20 -15.40 19.39
C ALA A 36 -22.48 -15.13 18.06
N SER A 37 -22.51 -13.87 17.63
CA SER A 37 -21.95 -13.49 16.34
C SER A 37 -20.42 -13.46 16.39
N PHE A 38 -19.90 -12.91 17.48
CA PHE A 38 -18.45 -12.80 17.67
C PHE A 38 -17.83 -14.19 17.78
N ARG A 39 -18.47 -15.03 18.60
CA ARG A 39 -18.05 -16.40 18.79
C ARG A 39 -18.00 -17.16 17.45
N ALA A 40 -19.03 -16.96 16.63
CA ALA A 40 -19.07 -17.57 15.29
C ALA A 40 -17.90 -17.10 14.41
N ALA A 41 -17.65 -15.79 14.40
CA ALA A 41 -16.56 -15.23 13.61
C ALA A 41 -15.21 -15.82 14.01
N ILE A 42 -14.92 -15.86 15.31
CA ILE A 42 -13.65 -16.38 15.79
C ILE A 42 -13.53 -17.86 15.44
N GLY A 43 -14.64 -18.58 15.57
CA GLY A 43 -14.67 -20.02 15.36
C GLY A 43 -14.41 -20.38 13.91
N LEU A 44 -15.02 -19.62 13.01
CA LEU A 44 -14.86 -19.82 11.57
C LEU A 44 -13.42 -19.55 11.14
N LEU A 45 -12.84 -18.47 11.63
CA LEU A 45 -11.46 -18.11 11.32
C LEU A 45 -10.50 -19.16 11.83
N ALA A 46 -10.72 -19.61 13.06
CA ALA A 46 -9.87 -20.60 13.71
C ALA A 46 -9.90 -21.95 13.00
N ARG A 47 -11.11 -22.37 12.62
CA ARG A 47 -11.32 -23.61 11.88
CA ARG A 47 -11.28 -23.62 11.90
C ARG A 47 -10.54 -23.60 10.57
N HIS A 48 -10.62 -22.47 9.85
CA HIS A 48 -9.88 -22.31 8.60
C HIS A 48 -8.37 -22.45 8.81
N LEU A 49 -7.86 -21.72 9.80
CA LEU A 49 -6.41 -21.67 10.06
C LEU A 49 -5.90 -23.02 10.57
N LYS A 50 -6.71 -23.69 11.37
CA LYS A 50 -6.34 -25.01 11.88
C LYS A 50 -6.23 -26.02 10.73
N ALA A 51 -7.20 -25.97 9.82
CA ALA A 51 -7.23 -26.89 8.69
C ALA A 51 -6.14 -26.55 7.65
N THR A 52 -5.82 -25.27 7.52
CA THR A 52 -4.93 -24.81 6.45
C THR A 52 -3.46 -24.88 6.85
N HIS A 53 -3.17 -24.83 8.15
CA HIS A 53 -1.78 -24.74 8.61
C HIS A 53 -1.41 -25.82 9.62
N GLY A 54 -2.39 -26.63 10.02
CA GLY A 54 -2.14 -27.79 10.87
C GLY A 54 -1.45 -27.46 12.18
N GLY A 55 -1.63 -26.24 12.65
CA GLY A 55 -1.06 -25.81 13.93
C GLY A 55 0.31 -25.19 13.80
N ARG A 56 0.84 -25.14 12.58
CA ARG A 56 2.20 -24.66 12.36
C ARG A 56 2.23 -23.14 12.32
N ILE A 57 1.68 -22.53 13.36
CA ILE A 57 1.70 -21.08 13.53
C ILE A 57 2.33 -20.73 14.86
N ASP A 58 3.17 -19.70 14.85
CA ASP A 58 3.84 -19.22 16.06
C ASP A 58 3.05 -18.10 16.72
N TYR A 59 2.63 -17.12 15.92
CA TYR A 59 1.89 -15.98 16.45
C TYR A 59 0.81 -15.50 15.49
N ILE A 60 -0.24 -14.95 16.07
CA ILE A 60 -1.18 -14.11 15.34
C ILE A 60 -0.73 -12.66 15.47
N ALA A 61 -0.85 -11.91 14.38
CA ALA A 61 -0.56 -10.47 14.42
C ALA A 61 -1.85 -9.68 14.20
N GLY A 62 -2.23 -8.90 15.21
CA GLY A 62 -3.44 -8.09 15.12
C GLY A 62 -3.14 -6.65 14.74
N LEU A 63 -3.94 -6.10 13.82
CA LEU A 63 -3.69 -4.76 13.30
C LEU A 63 -4.51 -3.68 14.00
N ASP A 64 -3.81 -2.78 14.66
CA ASP A 64 -4.37 -1.53 15.23
C ASP A 64 -5.31 -0.86 14.22
N SER A 65 -6.54 -0.56 14.60
CA SER A 65 -7.07 -0.85 15.93
CA SER A 65 -7.07 -0.85 15.93
C SER A 65 -8.13 -1.94 15.87
N ARG A 66 -8.94 -1.93 14.82
CA ARG A 66 -10.09 -2.82 14.75
C ARG A 66 -9.67 -4.28 14.64
N GLY A 67 -8.45 -4.51 14.16
CA GLY A 67 -7.85 -5.85 14.20
C GLY A 67 -7.61 -6.33 15.62
N PHE A 68 -7.44 -5.38 16.54
CA PHE A 68 -7.26 -5.69 17.97
C PHE A 68 -8.47 -6.42 18.55
N LEU A 69 -9.64 -6.18 17.96
CA LEU A 69 -10.88 -6.76 18.48
C LEU A 69 -10.96 -8.27 18.22
N PHE A 70 -10.22 -8.75 17.23
CA PHE A 70 -10.30 -10.16 16.82
C PHE A 70 -9.01 -10.93 17.09
N GLY A 71 -7.89 -10.22 17.09
CA GLY A 71 -6.56 -10.84 17.19
C GLY A 71 -6.38 -11.73 18.41
N PRO A 72 -6.53 -11.16 19.61
CA PRO A 72 -6.31 -11.90 20.86
C PRO A 72 -7.26 -13.09 21.03
N SER A 73 -8.53 -12.91 20.68
CA SER A 73 -9.51 -13.98 20.81
C SER A 73 -9.19 -15.13 19.85
N LEU A 74 -8.74 -14.78 18.65
CA LEU A 74 -8.36 -15.79 17.68
C LEU A 74 -7.08 -16.52 18.12
N ALA A 75 -6.10 -15.76 18.61
CA ALA A 75 -4.86 -16.37 19.11
C ALA A 75 -5.17 -17.32 20.27
N GLN A 76 -5.98 -16.85 21.21
CA GLN A 76 -6.34 -17.66 22.38
C GLN A 76 -7.04 -18.94 21.96
N GLU A 77 -7.89 -18.83 20.95
CA GLU A 77 -8.62 -19.99 20.43
C GLU A 77 -7.63 -21.04 19.92
N LEU A 78 -6.52 -20.57 19.37
CA LEU A 78 -5.55 -21.45 18.71
C LEU A 78 -4.40 -21.81 19.64
N GLY A 79 -4.46 -21.28 20.86
CA GLY A 79 -3.40 -21.53 21.85
C GLY A 79 -2.14 -20.73 21.58
N LEU A 80 -2.28 -19.60 20.90
CA LEU A 80 -1.14 -18.83 20.44
C LEU A 80 -1.11 -17.44 21.07
N GLY A 81 0.07 -16.84 21.07
CA GLY A 81 0.23 -15.46 21.46
C GLY A 81 -0.16 -14.52 20.34
N CYS A 82 -0.32 -13.25 20.68
CA CYS A 82 -0.72 -12.24 19.71
C CYS A 82 0.30 -11.10 19.75
N VAL A 83 0.81 -10.74 18.59
CA VAL A 83 1.73 -9.62 18.47
C VAL A 83 1.01 -8.41 17.91
N LEU A 84 1.43 -7.23 18.34
CA LEU A 84 0.76 -5.99 17.97
C LEU A 84 1.51 -5.28 16.87
N ILE A 85 0.78 -4.96 15.80
CA ILE A 85 1.26 -4.01 14.81
C ILE A 85 0.40 -2.74 14.89
N ARG A 86 1.02 -1.62 15.22
CA ARG A 86 0.28 -0.43 15.64
C ARG A 86 0.47 0.76 14.70
N LYS A 87 -0.44 1.73 14.80
CA LYS A 87 -0.25 3.01 14.12
C LYS A 87 0.98 3.71 14.68
N ARG A 88 1.75 4.33 13.80
CA ARG A 88 3.07 4.85 14.19
C ARG A 88 2.97 5.78 15.40
N GLY A 89 3.90 5.61 16.33
CA GLY A 89 4.01 6.51 17.48
C GLY A 89 3.41 5.94 18.75
N LYS A 90 2.79 4.78 18.64
CA LYS A 90 2.05 4.18 19.76
C LYS A 90 2.88 3.16 20.55
N LEU A 91 3.88 2.56 19.93
CA LEU A 91 4.67 1.50 20.58
C LEU A 91 6.00 2.01 21.12
N PRO A 92 6.40 1.54 22.31
CA PRO A 92 7.65 1.95 22.92
C PRO A 92 8.85 1.13 22.43
N GLY A 93 10.04 1.65 22.67
CA GLY A 93 11.27 0.94 22.31
C GLY A 93 11.58 1.02 20.83
N PRO A 94 12.65 0.34 20.39
CA PRO A 94 13.03 0.31 18.99
C PRO A 94 11.93 -0.27 18.09
N THR A 95 11.68 0.37 16.96
CA THR A 95 10.61 -0.03 16.07
C THR A 95 11.03 0.09 14.61
N LEU A 96 10.29 -0.59 13.74
CA LEU A 96 10.32 -0.32 12.30
C LEU A 96 8.97 0.23 11.90
N TRP A 97 8.94 1.07 10.87
CA TRP A 97 7.68 1.60 10.40
C TRP A 97 7.60 1.72 8.88
N ALA A 98 6.37 1.76 8.37
CA ALA A 98 6.14 1.84 6.94
C ALA A 98 4.92 2.68 6.67
N SER A 99 5.00 3.51 5.63
CA SER A 99 3.87 4.30 5.17
C SER A 99 3.03 3.49 4.20
N TYR A 100 1.75 3.83 4.13
CA TYR A 100 0.81 3.13 3.25
C TYR A 100 -0.45 3.97 3.10
N SER A 101 -1.26 3.60 2.13
CA SER A 101 -2.58 4.17 2.01
C SER A 101 -3.64 3.09 2.22
N LEU A 102 -4.77 3.51 2.76
CA LEU A 102 -5.94 2.65 2.88
C LEU A 102 -7.04 3.28 2.03
N GLU A 103 -8.24 2.73 2.10
CA GLU A 103 -9.31 3.16 1.20
C GLU A 103 -9.57 4.66 1.27
N TYR A 104 -9.56 5.22 2.48
CA TYR A 104 -10.01 6.60 2.66
C TYR A 104 -8.97 7.48 3.36
N GLY A 105 -7.69 7.17 3.19
CA GLY A 105 -6.64 8.05 3.63
C GLY A 105 -5.28 7.38 3.60
N LYS A 106 -4.32 7.97 4.32
CA LYS A 106 -2.99 7.39 4.43
C LYS A 106 -2.58 7.33 5.89
N ALA A 107 -1.62 6.46 6.19
CA ALA A 107 -1.17 6.28 7.55
C ALA A 107 0.20 5.62 7.58
N GLU A 108 0.69 5.35 8.76
CA GLU A 108 1.96 4.66 8.94
C GLU A 108 1.79 3.60 10.03
N LEU A 109 2.22 2.38 9.73
CA LEU A 109 2.18 1.28 10.70
C LEU A 109 3.57 1.05 11.26
N GLU A 110 3.63 0.37 12.39
CA GLU A 110 4.88 0.20 13.12
C GLU A 110 4.86 -1.10 13.92
N ILE A 111 6.04 -1.64 14.16
CA ILE A 111 6.19 -2.89 14.90
C ILE A 111 7.47 -2.79 15.73
N GLN A 112 7.44 -3.34 16.94
CA GLN A 112 8.63 -3.39 17.78
C GLN A 112 9.66 -4.34 17.18
N LYS A 113 10.93 -3.97 17.23
CA LYS A 113 11.99 -4.75 16.57
C LYS A 113 12.11 -6.16 17.13
N ASP A 114 11.66 -6.36 18.37
CA ASP A 114 11.77 -7.65 19.02
C ASP A 114 10.43 -8.39 19.10
N ALA A 115 9.50 -8.01 18.23
CA ALA A 115 8.18 -8.63 18.20
C ALA A 115 8.26 -10.09 17.75
N LEU A 116 9.17 -10.36 16.82
CA LEU A 116 9.35 -11.70 16.27
C LEU A 116 10.82 -11.96 15.99
N GLU A 117 11.24 -13.22 16.14
CA GLU A 117 12.58 -13.64 15.74
C GLU A 117 12.55 -14.17 14.32
N PRO A 118 13.71 -14.14 13.63
CA PRO A 118 13.74 -14.61 12.25
C PRO A 118 13.23 -16.05 12.13
N GLY A 119 12.38 -16.29 11.14
CA GLY A 119 11.89 -17.63 10.86
C GLY A 119 10.53 -17.92 11.47
N GLN A 120 10.08 -17.07 12.38
CA GLN A 120 8.86 -17.36 13.13
C GLN A 120 7.62 -17.14 12.26
N ARG A 121 6.65 -18.03 12.42
CA ARG A 121 5.52 -18.14 11.50
C ARG A 121 4.34 -17.33 12.01
N VAL A 122 3.78 -16.48 11.15
CA VAL A 122 2.75 -15.53 11.58
CA VAL A 122 2.73 -15.54 11.58
C VAL A 122 1.53 -15.57 10.65
N VAL A 123 0.36 -15.37 11.22
CA VAL A 123 -0.84 -15.10 10.47
C VAL A 123 -1.35 -13.71 10.86
N VAL A 124 -1.68 -12.90 9.86
CA VAL A 124 -2.12 -11.53 10.13
C VAL A 124 -3.64 -11.45 10.09
N VAL A 125 -4.21 -10.81 11.11
CA VAL A 125 -5.66 -10.67 11.19
C VAL A 125 -6.06 -9.21 11.29
N ASP A 126 -7.07 -8.84 10.50
CA ASP A 126 -7.68 -7.53 10.59
C ASP A 126 -9.19 -7.67 10.38
N ASP A 127 -9.93 -6.63 10.71
CA ASP A 127 -11.39 -6.69 10.64
C ASP A 127 -11.87 -6.70 9.19
N LEU A 128 -11.26 -5.86 8.36
CA LEU A 128 -11.72 -5.69 6.98
C LEU A 128 -10.54 -5.50 6.04
N LEU A 129 -10.60 -6.15 4.88
CA LEU A 129 -9.71 -5.85 3.77
C LEU A 129 -10.41 -4.99 2.72
N ALA A 130 -9.79 -3.87 2.37
CA ALA A 130 -10.28 -3.04 1.27
C ALA A 130 -9.24 -2.96 0.15
N THR A 131 -8.46 -1.88 0.12
CA THR A 131 -7.40 -1.76 -0.89
C THR A 131 -6.25 -2.72 -0.61
N GLY A 132 -6.15 -3.19 0.63
CA GLY A 132 -5.08 -4.09 1.04
C GLY A 132 -3.80 -3.37 1.44
N GLY A 133 -3.86 -2.05 1.47
CA GLY A 133 -2.69 -1.24 1.82
C GLY A 133 -2.26 -1.49 3.26
N THR A 134 -3.22 -1.56 4.16
CA THR A 134 -2.93 -1.76 5.57
C THR A 134 -2.28 -3.12 5.82
N MET A 135 -2.86 -4.16 5.22
CA MET A 135 -2.34 -5.51 5.38
C MET A 135 -0.96 -5.65 4.73
N ASN A 136 -0.80 -5.04 3.57
CA ASN A 136 0.47 -5.08 2.85
C ASN A 136 1.59 -4.43 3.65
N ALA A 137 1.29 -3.31 4.30
CA ALA A 137 2.24 -2.64 5.19
C ALA A 137 2.62 -3.55 6.34
N ALA A 138 1.63 -4.25 6.89
CA ALA A 138 1.88 -5.21 7.96
C ALA A 138 2.82 -6.31 7.48
N CYS A 139 2.55 -6.83 6.28
CA CYS A 139 3.37 -7.89 5.71
C CYS A 139 4.79 -7.41 5.46
N GLU A 140 4.92 -6.16 5.05
CA GLU A 140 6.23 -5.57 4.77
C GLU A 140 7.08 -5.50 6.04
N LEU A 141 6.45 -5.13 7.15
CA LEU A 141 7.17 -5.01 8.41
C LEU A 141 7.56 -6.36 8.97
N LEU A 142 6.63 -7.31 8.92
CA LEU A 142 6.91 -8.67 9.37
C LEU A 142 8.05 -9.27 8.54
N GLY A 143 8.10 -8.89 7.26
CA GLY A 143 9.18 -9.31 6.38
C GLY A 143 10.53 -8.73 6.79
N ARG A 144 10.55 -7.49 7.25
CA ARG A 144 11.75 -6.84 7.74
C ARG A 144 12.30 -7.61 8.94
N LEU A 145 11.42 -8.15 9.75
CA LEU A 145 11.84 -8.95 10.89
C LEU A 145 12.19 -10.38 10.50
N GLN A 146 12.11 -10.67 9.20
CA GLN A 146 12.37 -12.01 8.68
C GLN A 146 11.39 -13.04 9.22
N ALA A 147 10.17 -12.60 9.50
CA ALA A 147 9.09 -13.52 9.81
C ALA A 147 8.53 -14.11 8.52
N GLU A 148 8.00 -15.31 8.60
CA GLU A 148 7.23 -15.87 7.50
C GLU A 148 5.74 -15.62 7.71
N VAL A 149 5.16 -14.77 6.86
CA VAL A 149 3.72 -14.58 6.86
C VAL A 149 3.06 -15.71 6.07
N LEU A 150 2.30 -16.55 6.78
CA LEU A 150 1.67 -17.72 6.16
C LEU A 150 0.39 -17.33 5.45
N GLU A 151 -0.34 -16.38 6.02
CA GLU A 151 -1.68 -16.05 5.56
C GLU A 151 -2.16 -14.74 6.19
N CYS A 152 -3.04 -14.04 5.48
CA CYS A 152 -3.77 -12.92 6.06
C CYS A 152 -5.27 -13.20 6.05
N VAL A 153 -5.94 -12.91 7.15
CA VAL A 153 -7.38 -13.14 7.25
C VAL A 153 -8.13 -11.90 7.76
N SER A 154 -9.37 -11.77 7.31
CA SER A 154 -10.27 -10.74 7.82
C SER A 154 -11.69 -11.28 7.90
N LEU A 155 -12.55 -10.55 8.58
CA LEU A 155 -13.99 -10.86 8.58
C LEU A 155 -14.60 -10.46 7.25
N VAL A 156 -14.24 -9.28 6.76
CA VAL A 156 -14.88 -8.71 5.59
C VAL A 156 -13.88 -8.40 4.49
N GLU A 157 -14.29 -8.62 3.25
CA GLU A 157 -13.49 -8.29 2.09
C GLU A 157 -14.31 -7.53 1.04
N LEU A 158 -13.80 -6.38 0.63
CA LEU A 158 -14.45 -5.58 -0.41
C LEU A 158 -13.80 -5.83 -1.77
N THR A 159 -14.38 -6.75 -2.52
CA THR A 159 -13.69 -7.39 -3.63
C THR A 159 -13.45 -6.46 -4.82
N SER A 160 -14.25 -5.39 -4.92
CA SER A 160 -14.09 -4.43 -6.02
C SER A 160 -12.79 -3.65 -5.91
N LEU A 161 -12.25 -3.57 -4.70
CA LEU A 161 -11.03 -2.80 -4.45
C LEU A 161 -9.77 -3.64 -4.65
N LYS A 162 -9.98 -4.92 -4.94
CA LYS A 162 -8.92 -5.83 -5.39
C LYS A 162 -7.78 -5.96 -4.39
N GLY A 163 -8.11 -5.87 -3.11
CA GLY A 163 -7.11 -6.01 -2.04
C GLY A 163 -6.39 -7.34 -2.07
N ARG A 164 -7.13 -8.41 -2.36
CA ARG A 164 -6.57 -9.75 -2.49
C ARG A 164 -5.36 -9.73 -3.42
N GLU A 165 -5.54 -9.18 -4.61
CA GLU A 165 -4.52 -9.22 -5.65
C GLU A 165 -3.29 -8.42 -5.22
N LYS A 166 -3.51 -7.38 -4.44
CA LYS A 166 -2.43 -6.54 -3.91
CA LYS A 166 -2.41 -6.55 -3.95
C LYS A 166 -1.58 -7.33 -2.92
N LEU A 167 -2.18 -8.33 -2.29
CA LEU A 167 -1.48 -9.12 -1.26
C LEU A 167 -0.71 -10.30 -1.86
N ALA A 168 -1.14 -10.77 -3.02
CA ALA A 168 -0.49 -11.90 -3.69
C ALA A 168 1.03 -11.69 -3.69
N PRO A 169 1.78 -12.75 -3.48
CA PRO A 169 1.24 -14.11 -3.44
C PRO A 169 1.00 -14.63 -2.02
N VAL A 170 0.95 -13.73 -1.05
CA VAL A 170 0.54 -14.10 0.31
C VAL A 170 -0.93 -14.53 0.28
N PRO A 171 -1.20 -15.77 0.72
CA PRO A 171 -2.58 -16.25 0.73
C PRO A 171 -3.49 -15.32 1.54
N PHE A 172 -4.76 -15.27 1.16
CA PHE A 172 -5.74 -14.48 1.90
C PHE A 172 -7.06 -15.22 2.04
N PHE A 173 -7.75 -14.99 3.16
CA PHE A 173 -9.04 -15.60 3.42
C PHE A 173 -9.95 -14.64 4.17
N SER A 174 -11.17 -14.48 3.68
CA SER A 174 -12.18 -13.67 4.37
C SER A 174 -13.43 -14.49 4.63
N LEU A 175 -14.18 -14.09 5.66
CA LEU A 175 -15.47 -14.72 5.94
C LEU A 175 -16.53 -14.25 4.98
N LEU A 176 -16.59 -12.94 4.75
CA LEU A 176 -17.64 -12.35 3.93
C LEU A 176 -17.06 -11.48 2.83
N GLN A 177 -17.69 -11.53 1.66
CA GLN A 177 -17.29 -10.70 0.53
C GLN A 177 -18.44 -9.80 0.07
N TYR A 178 -18.18 -8.50 0.05
CA TYR A 178 -19.07 -7.54 -0.59
C TYR A 178 -18.36 -6.93 -1.80
N GLU A 179 -19.11 -6.28 -2.67
CA GLU A 179 -18.50 -5.45 -3.70
C GLU A 179 -17.68 -4.34 -3.05
N SER B 3 -16.06 -3.94 -24.76
CA SER B 3 -15.94 -2.50 -24.45
C SER B 3 -14.49 -2.12 -24.21
N GLU B 4 -13.80 -2.92 -23.40
CA GLU B 4 -12.43 -2.60 -23.04
C GLU B 4 -11.55 -2.43 -24.28
N LEU B 5 -11.73 -3.28 -25.29
CA LEU B 5 -10.95 -3.17 -26.52
C LEU B 5 -11.31 -1.92 -27.31
N GLN B 6 -12.59 -1.56 -27.33
CA GLN B 6 -13.00 -0.34 -28.02
C GLN B 6 -12.42 0.90 -27.33
N LEU B 7 -12.27 0.85 -26.01
CA LEU B 7 -11.65 1.95 -25.27
C LEU B 7 -10.24 2.21 -25.78
N VAL B 8 -9.52 1.14 -26.08
CA VAL B 8 -8.17 1.28 -26.60
C VAL B 8 -8.21 1.71 -28.06
N GLU B 9 -9.05 1.05 -28.85
CA GLU B 9 -9.09 1.28 -30.29
C GLU B 9 -9.37 2.74 -30.64
N GLN B 10 -10.28 3.37 -29.90
CA GLN B 10 -10.76 4.71 -30.24
C GLN B 10 -9.76 5.81 -29.84
N ARG B 11 -8.61 5.41 -29.31
CA ARG B 11 -7.63 6.38 -28.82
C ARG B 11 -6.31 6.28 -29.57
N ILE B 12 -6.36 5.80 -30.79
CA ILE B 12 -5.20 5.84 -31.67
C ILE B 12 -5.42 6.86 -32.78
N ARG B 13 -4.51 7.82 -32.89
CA ARG B 13 -4.59 8.74 -34.02
C ARG B 13 -3.44 8.59 -34.98
N SER B 14 -3.70 8.95 -36.22
CA SER B 14 -2.79 8.68 -37.32
C SER B 14 -2.29 9.98 -37.92
N PHE B 15 -0.99 10.00 -38.25
CA PHE B 15 -0.39 11.13 -38.96
C PHE B 15 0.37 10.63 -40.17
N PRO B 16 -0.02 11.08 -41.37
CA PRO B 16 0.70 10.59 -42.55
C PRO B 16 2.06 11.25 -42.74
N ASP B 17 2.99 10.48 -43.32
CA ASP B 17 4.30 11.00 -43.73
C ASP B 17 5.08 11.58 -42.57
N PHE B 18 4.97 10.94 -41.41
CA PHE B 18 5.87 11.21 -40.29
C PHE B 18 6.44 9.91 -39.76
N PRO B 19 7.74 9.89 -39.46
CA PRO B 19 8.59 11.07 -39.54
C PRO B 19 9.27 11.25 -40.89
N THR B 20 8.94 10.38 -41.84
CA THR B 20 9.47 10.46 -43.19
C THR B 20 8.37 10.11 -44.19
N PRO B 21 8.50 10.57 -45.44
CA PRO B 21 7.42 10.35 -46.40
C PRO B 21 7.08 8.87 -46.56
N GLY B 22 5.79 8.55 -46.57
CA GLY B 22 5.34 7.20 -46.87
C GLY B 22 5.05 6.38 -45.62
N VAL B 23 5.36 6.95 -44.46
CA VAL B 23 4.96 6.35 -43.18
C VAL B 23 3.61 6.91 -42.74
N VAL B 24 2.70 6.03 -42.35
CA VAL B 24 1.52 6.44 -41.60
C VAL B 24 1.72 6.20 -40.12
N PHE B 25 1.97 7.28 -39.38
CA PHE B 25 2.39 7.18 -37.99
C PHE B 25 1.17 7.04 -37.06
N ARG B 26 1.17 5.96 -36.28
CA ARG B 26 0.12 5.74 -35.30
C ARG B 26 0.52 6.29 -33.95
N ASP B 27 -0.15 7.36 -33.53
CA ASP B 27 0.19 8.04 -32.27
C ASP B 27 -0.56 7.41 -31.08
N ILE B 28 0.20 6.93 -30.11
CA ILE B 28 -0.36 6.25 -28.94
C ILE B 28 -0.68 7.23 -27.81
N SER B 29 -0.41 8.51 -28.03
CA SER B 29 -0.52 9.50 -26.96
C SER B 29 -1.91 9.53 -26.32
N PRO B 30 -2.96 9.38 -27.13
CA PRO B 30 -4.32 9.43 -26.59
C PRO B 30 -4.64 8.27 -25.65
N VAL B 31 -3.97 7.14 -25.85
CA VAL B 31 -4.16 5.97 -25.00
C VAL B 31 -3.60 6.26 -23.62
N LEU B 32 -2.41 6.87 -23.61
CA LEU B 32 -1.74 7.25 -22.37
C LEU B 32 -2.53 8.35 -21.65
N LYS B 33 -3.13 9.24 -22.43
CA LYS B 33 -3.76 10.44 -21.88
C LYS B 33 -5.11 10.13 -21.23
N ASP B 34 -5.75 9.07 -21.69
CA ASP B 34 -7.05 8.65 -21.15
C ASP B 34 -6.87 7.47 -20.19
N PRO B 35 -7.06 7.72 -18.88
CA PRO B 35 -6.74 6.70 -17.89
C PRO B 35 -7.54 5.40 -18.07
N ALA B 36 -8.78 5.52 -18.51
CA ALA B 36 -9.62 4.34 -18.77
C ALA B 36 -9.05 3.51 -19.92
N SER B 37 -8.50 4.19 -20.92
CA SER B 37 -7.93 3.53 -22.09
C SER B 37 -6.65 2.78 -21.71
N PHE B 38 -5.79 3.43 -20.94
CA PHE B 38 -4.53 2.83 -20.55
C PHE B 38 -4.76 1.60 -19.68
N ARG B 39 -5.66 1.73 -18.70
CA ARG B 39 -5.94 0.64 -17.77
C ARG B 39 -6.51 -0.56 -18.52
N ALA B 40 -7.35 -0.30 -19.51
CA ALA B 40 -7.94 -1.35 -20.32
C ALA B 40 -6.86 -2.09 -21.12
N ALA B 41 -5.90 -1.34 -21.66
CA ALA B 41 -4.85 -1.95 -22.48
C ALA B 41 -3.94 -2.82 -21.63
N ILE B 42 -3.54 -2.31 -20.48
CA ILE B 42 -2.69 -3.05 -19.55
C ILE B 42 -3.40 -4.30 -19.06
N GLY B 43 -4.69 -4.16 -18.75
CA GLY B 43 -5.50 -5.27 -18.26
C GLY B 43 -5.66 -6.37 -19.30
N LEU B 44 -5.92 -5.96 -20.54
CA LEU B 44 -6.07 -6.91 -21.64
C LEU B 44 -4.76 -7.66 -21.92
N LEU B 45 -3.65 -6.95 -21.85
CA LEU B 45 -2.33 -7.56 -22.06
C LEU B 45 -2.00 -8.51 -20.92
N ALA B 46 -2.31 -8.10 -19.69
CA ALA B 46 -1.98 -8.89 -18.50
C ALA B 46 -2.75 -10.21 -18.49
N ARG B 47 -4.04 -10.13 -18.81
CA ARG B 47 -4.92 -11.31 -18.79
CA ARG B 47 -4.89 -11.31 -18.76
C ARG B 47 -4.55 -12.28 -19.90
N HIS B 48 -4.12 -11.76 -21.03
CA HIS B 48 -3.63 -12.60 -22.12
C HIS B 48 -2.41 -13.40 -21.67
N LEU B 49 -1.47 -12.73 -21.02
CA LEU B 49 -0.22 -13.37 -20.61
C LEU B 49 -0.45 -14.37 -19.48
N LYS B 50 -1.34 -14.05 -18.55
CA LYS B 50 -1.70 -14.98 -17.48
C LYS B 50 -2.37 -16.21 -18.07
N ALA B 51 -3.26 -16.01 -19.04
CA ALA B 51 -3.99 -17.12 -19.65
C ALA B 51 -3.06 -18.01 -20.48
N THR B 52 -2.05 -17.39 -21.08
CA THR B 52 -1.22 -18.09 -22.07
C THR B 52 -0.04 -18.80 -21.42
N HIS B 53 0.57 -18.16 -20.42
CA HIS B 53 1.81 -18.68 -19.83
C HIS B 53 1.66 -19.10 -18.37
N GLY B 54 0.50 -18.84 -17.78
CA GLY B 54 0.30 -19.12 -16.35
C GLY B 54 1.30 -18.36 -15.49
N GLY B 55 2.06 -19.09 -14.70
CA GLY B 55 3.09 -18.48 -13.86
C GLY B 55 4.49 -18.88 -14.29
N ARG B 56 4.72 -18.88 -15.59
CA ARG B 56 5.99 -19.31 -16.15
C ARG B 56 6.84 -18.12 -16.58
N ILE B 57 6.30 -16.92 -16.39
CA ILE B 57 7.03 -15.70 -16.75
C ILE B 57 7.85 -15.20 -15.56
N ASP B 58 9.14 -15.00 -15.79
CA ASP B 58 10.05 -14.48 -14.77
C ASP B 58 10.11 -12.96 -14.80
N TYR B 59 10.27 -12.39 -15.99
CA TYR B 59 10.40 -10.95 -16.15
C TYR B 59 9.71 -10.43 -17.41
N ILE B 60 9.29 -9.18 -17.36
CA ILE B 60 8.97 -8.41 -18.55
C ILE B 60 10.19 -7.64 -19.04
N ALA B 61 10.38 -7.58 -20.35
CA ALA B 61 11.36 -6.67 -20.94
C ALA B 61 10.69 -5.57 -21.75
N GLY B 62 10.99 -4.32 -21.41
CA GLY B 62 10.41 -3.17 -22.08
C GLY B 62 11.42 -2.49 -22.98
N LEU B 63 10.98 -2.09 -24.17
CA LEU B 63 11.90 -1.52 -25.18
C LEU B 63 11.87 0.01 -25.21
N ASP B 64 13.01 0.60 -24.88
CA ASP B 64 13.30 2.03 -25.13
C ASP B 64 12.83 2.43 -26.53
N SER B 65 11.97 3.46 -26.64
CA SER B 65 11.54 4.26 -25.50
CA SER B 65 11.54 4.26 -25.50
C SER B 65 10.07 4.03 -25.18
N ARG B 66 9.26 3.93 -26.23
CA ARG B 66 7.81 3.86 -26.05
C ARG B 66 7.36 2.58 -25.36
N GLY B 67 8.19 1.55 -25.43
CA GLY B 67 7.95 0.31 -24.66
C GLY B 67 7.97 0.53 -23.16
N PHE B 68 8.71 1.56 -22.74
CA PHE B 68 8.81 1.91 -21.31
C PHE B 68 7.48 2.36 -20.74
N LEU B 69 6.58 2.80 -21.62
CA LEU B 69 5.28 3.30 -21.20
C LEU B 69 4.37 2.16 -20.74
N PHE B 70 4.68 0.94 -21.20
CA PHE B 70 3.80 -0.21 -20.96
C PHE B 70 4.48 -1.28 -20.10
N GLY B 71 5.77 -1.48 -20.30
CA GLY B 71 6.51 -2.52 -19.60
C GLY B 71 6.25 -2.57 -18.11
N PRO B 72 6.64 -1.50 -17.39
CA PRO B 72 6.54 -1.46 -15.94
C PRO B 72 5.12 -1.67 -15.43
N SER B 73 4.16 -1.06 -16.09
CA SER B 73 2.76 -1.21 -15.70
C SER B 73 2.30 -2.65 -15.90
N LEU B 74 2.69 -3.25 -17.01
CA LEU B 74 2.30 -4.63 -17.31
C LEU B 74 3.00 -5.59 -16.34
N ALA B 75 4.28 -5.35 -16.11
CA ALA B 75 5.02 -6.10 -15.10
C ALA B 75 4.31 -6.07 -13.75
N GLN B 76 4.00 -4.86 -13.29
CA GLN B 76 3.44 -4.68 -11.96
C GLN B 76 2.10 -5.38 -11.85
N GLU B 77 1.27 -5.24 -12.88
CA GLU B 77 -0.02 -5.90 -12.93
C GLU B 77 0.12 -7.41 -12.77
N LEU B 78 1.26 -7.95 -13.20
CA LEU B 78 1.52 -9.39 -13.12
C LEU B 78 2.41 -9.78 -11.94
N GLY B 79 2.81 -8.79 -11.15
CA GLY B 79 3.65 -9.05 -9.98
C GLY B 79 5.08 -9.40 -10.34
N LEU B 80 5.53 -8.94 -11.50
CA LEU B 80 6.87 -9.26 -11.99
C LEU B 80 7.74 -8.01 -12.06
N GLY B 81 9.05 -8.23 -12.14
CA GLY B 81 9.98 -7.15 -12.44
C GLY B 81 10.04 -6.85 -13.92
N CYS B 82 10.53 -5.65 -14.25
CA CYS B 82 10.77 -5.23 -15.63
C CYS B 82 12.27 -5.00 -15.84
N VAL B 83 12.84 -5.69 -16.83
CA VAL B 83 14.19 -5.36 -17.28
C VAL B 83 14.15 -4.39 -18.47
N LEU B 84 15.21 -3.60 -18.60
CA LEU B 84 15.28 -2.56 -19.63
C LEU B 84 16.16 -2.98 -20.78
N ILE B 85 15.63 -2.83 -21.99
CA ILE B 85 16.44 -2.88 -23.20
C ILE B 85 16.49 -1.51 -23.85
N ARG B 86 17.68 -0.91 -23.88
CA ARG B 86 17.81 0.53 -24.15
C ARG B 86 18.48 0.80 -25.50
N LYS B 87 18.29 2.02 -26.01
CA LYS B 87 19.05 2.47 -27.16
C LYS B 87 20.52 2.50 -26.78
N ARG B 88 21.39 2.17 -27.73
CA ARG B 88 22.80 1.96 -27.42
C ARG B 88 23.41 3.23 -26.85
N GLY B 89 24.23 3.07 -25.80
CA GLY B 89 24.97 4.19 -25.23
C GLY B 89 24.33 4.74 -23.97
N LYS B 90 23.21 4.15 -23.56
CA LYS B 90 22.41 4.72 -22.47
C LYS B 90 22.57 3.99 -21.13
N LEU B 91 22.93 2.71 -21.17
CA LEU B 91 23.05 1.91 -19.96
C LEU B 91 24.50 1.85 -19.47
N PRO B 92 24.69 1.93 -18.14
CA PRO B 92 26.00 1.79 -17.52
C PRO B 92 26.46 0.35 -17.40
N GLY B 93 27.76 0.15 -17.23
CA GLY B 93 28.31 -1.17 -16.96
C GLY B 93 28.48 -1.98 -18.24
N PRO B 94 28.92 -3.24 -18.08
CA PRO B 94 29.07 -4.15 -19.22
C PRO B 94 27.75 -4.39 -19.93
N THR B 95 27.76 -4.30 -21.25
CA THR B 95 26.54 -4.43 -22.03
C THR B 95 26.79 -5.26 -23.29
N LEU B 96 25.70 -5.82 -23.83
CA LEU B 96 25.69 -6.32 -25.20
C LEU B 96 24.83 -5.39 -26.05
N TRP B 97 25.17 -5.27 -27.33
CA TRP B 97 24.39 -4.44 -28.24
C TRP B 97 24.18 -5.10 -29.60
N ALA B 98 23.15 -4.65 -30.32
CA ALA B 98 22.85 -5.19 -31.63
C ALA B 98 22.20 -4.15 -32.52
N SER B 99 22.63 -4.09 -33.78
CA SER B 99 22.10 -3.13 -34.73
C SER B 99 20.93 -3.70 -35.51
N TYR B 100 20.05 -2.82 -35.98
CA TYR B 100 18.90 -3.24 -36.76
C TYR B 100 18.31 -2.10 -37.57
N SER B 101 17.37 -2.44 -38.45
CA SER B 101 16.52 -1.47 -39.10
C SER B 101 15.08 -1.61 -38.61
N LEU B 102 14.43 -0.47 -38.45
CA LEU B 102 13.00 -0.44 -38.16
C LEU B 102 12.34 0.21 -39.38
N GLU B 103 11.06 0.55 -39.27
CA GLU B 103 10.31 0.99 -40.45
C GLU B 103 10.94 2.21 -41.11
N TYR B 104 11.32 3.20 -40.29
CA TYR B 104 11.77 4.49 -40.85
C TYR B 104 13.21 4.84 -40.45
N GLY B 105 14.05 3.84 -40.27
CA GLY B 105 15.48 4.10 -40.09
C GLY B 105 16.25 2.92 -39.52
N LYS B 106 17.41 3.22 -38.94
CA LYS B 106 18.24 2.21 -38.31
C LYS B 106 18.56 2.62 -36.87
N ALA B 107 18.80 1.65 -36.03
CA ALA B 107 19.12 1.92 -34.64
C ALA B 107 19.91 0.77 -34.04
N GLU B 108 20.25 0.93 -32.77
CA GLU B 108 20.98 -0.08 -32.03
C GLU B 108 20.40 -0.18 -30.63
N LEU B 109 20.10 -1.40 -30.22
CA LEU B 109 19.63 -1.65 -28.86
C LEU B 109 20.74 -2.27 -28.03
N GLU B 110 20.59 -2.17 -26.72
CA GLU B 110 21.62 -2.63 -25.79
C GLU B 110 20.98 -3.18 -24.52
N ILE B 111 21.71 -4.06 -23.84
CA ILE B 111 21.23 -4.66 -22.61
C ILE B 111 22.42 -4.94 -21.69
N GLN B 112 22.22 -4.69 -20.41
CA GLN B 112 23.27 -4.96 -19.41
C GLN B 112 23.51 -6.47 -19.30
N LYS B 113 24.76 -6.85 -19.11
CA LYS B 113 25.14 -8.27 -19.12
C LYS B 113 24.56 -9.02 -17.93
N ASP B 114 24.21 -8.31 -16.87
CA ASP B 114 23.64 -8.95 -15.68
C ASP B 114 22.12 -8.76 -15.57
N ALA B 115 21.48 -8.41 -16.68
CA ALA B 115 20.04 -8.17 -16.69
C ALA B 115 19.27 -9.45 -16.41
N LEU B 116 19.77 -10.56 -16.95
CA LEU B 116 19.12 -11.85 -16.76
C LEU B 116 20.15 -12.97 -16.62
N GLU B 117 19.75 -14.05 -15.96
CA GLU B 117 20.56 -15.25 -15.90
C GLU B 117 20.04 -16.29 -16.89
N PRO B 118 20.92 -17.19 -17.35
CA PRO B 118 20.50 -18.19 -18.32
C PRO B 118 19.29 -19.00 -17.87
N GLY B 119 18.33 -19.18 -18.77
CA GLY B 119 17.16 -19.99 -18.49
C GLY B 119 15.92 -19.19 -18.09
N GLN B 120 16.15 -17.99 -17.58
CA GLN B 120 15.04 -17.17 -17.09
C GLN B 120 14.11 -16.75 -18.24
N ARG B 121 12.81 -16.81 -17.97
CA ARG B 121 11.80 -16.68 -19.01
C ARG B 121 11.29 -15.24 -19.09
N VAL B 122 11.23 -14.68 -20.30
CA VAL B 122 10.89 -13.28 -20.50
CA VAL B 122 10.85 -13.29 -20.46
C VAL B 122 9.77 -13.10 -21.52
N VAL B 123 8.91 -12.12 -21.29
CA VAL B 123 8.01 -11.62 -22.31
C VAL B 123 8.44 -10.20 -22.67
N VAL B 124 8.63 -9.96 -23.97
CA VAL B 124 9.06 -8.66 -24.45
C VAL B 124 7.84 -7.81 -24.76
N VAL B 125 7.84 -6.55 -24.33
CA VAL B 125 6.76 -5.64 -24.69
C VAL B 125 7.27 -4.36 -25.35
N ASP B 126 6.63 -4.03 -26.47
CA ASP B 126 6.81 -2.73 -27.11
C ASP B 126 5.45 -2.11 -27.40
N ASP B 127 5.44 -0.82 -27.70
CA ASP B 127 4.18 -0.12 -27.99
C ASP B 127 3.59 -0.56 -29.32
N LEU B 128 4.44 -0.79 -30.31
CA LEU B 128 3.98 -1.00 -31.67
C LEU B 128 4.93 -1.88 -32.48
N LEU B 129 4.36 -2.83 -33.21
CA LEU B 129 5.12 -3.71 -34.09
C LEU B 129 4.95 -3.32 -35.54
N ALA B 130 6.04 -2.93 -36.19
CA ALA B 130 6.00 -2.63 -37.61
C ALA B 130 6.75 -3.71 -38.41
N THR B 131 8.01 -3.44 -38.75
CA THR B 131 8.78 -4.41 -39.52
C THR B 131 9.21 -5.57 -38.63
N GLY B 132 9.19 -5.35 -37.33
CA GLY B 132 9.64 -6.35 -36.37
C GLY B 132 11.12 -6.25 -36.06
N GLY B 133 11.82 -5.35 -36.76
CA GLY B 133 13.26 -5.19 -36.61
C GLY B 133 13.67 -4.92 -35.18
N THR B 134 12.93 -4.02 -34.52
CA THR B 134 13.22 -3.66 -33.13
C THR B 134 13.02 -4.84 -32.21
N MET B 135 11.86 -5.47 -32.33
CA MET B 135 11.52 -6.59 -31.47
C MET B 135 12.47 -7.76 -31.70
N ASN B 136 12.83 -8.00 -32.96
CA ASN B 136 13.77 -9.05 -33.28
C ASN B 136 15.14 -8.79 -32.65
N ALA B 137 15.59 -7.55 -32.68
CA ALA B 137 16.88 -7.18 -32.13
C ALA B 137 16.89 -7.40 -30.61
N ALA B 138 15.76 -7.10 -29.97
CA ALA B 138 15.61 -7.32 -28.54
C ALA B 138 15.68 -8.81 -28.22
N CYS B 139 15.04 -9.63 -29.06
CA CYS B 139 15.08 -11.08 -28.90
C CYS B 139 16.49 -11.64 -29.05
N GLU B 140 17.24 -11.11 -30.02
CA GLU B 140 18.63 -11.53 -30.20
C GLU B 140 19.46 -11.23 -28.95
N LEU B 141 19.27 -10.05 -28.37
CA LEU B 141 20.00 -9.66 -27.17
C LEU B 141 19.66 -10.57 -25.99
N LEU B 142 18.36 -10.80 -25.78
CA LEU B 142 17.91 -11.74 -24.76
C LEU B 142 18.50 -13.14 -25.01
N GLY B 143 18.62 -13.50 -26.29
CA GLY B 143 19.16 -14.80 -26.67
C GLY B 143 20.62 -14.96 -26.29
N ARG B 144 21.37 -13.86 -26.40
CA ARG B 144 22.79 -13.88 -26.06
C ARG B 144 23.01 -14.04 -24.57
N LEU B 145 22.00 -13.73 -23.78
CA LEU B 145 22.05 -13.93 -22.34
C LEU B 145 21.45 -15.29 -22.00
N GLN B 146 21.06 -16.03 -23.03
CA GLN B 146 20.49 -17.37 -22.87
C GLN B 146 19.17 -17.34 -22.13
N ALA B 147 18.48 -16.21 -22.19
CA ALA B 147 17.12 -16.13 -21.67
C ALA B 147 16.18 -16.90 -22.60
N GLU B 148 15.03 -17.31 -22.07
CA GLU B 148 13.97 -17.87 -22.89
C GLU B 148 12.90 -16.82 -23.15
N VAL B 149 12.75 -16.42 -24.41
CA VAL B 149 11.67 -15.51 -24.79
C VAL B 149 10.38 -16.28 -25.06
N LEU B 150 9.40 -16.08 -24.19
CA LEU B 150 8.14 -16.83 -24.25
C LEU B 150 7.23 -16.27 -25.33
N GLU B 151 7.25 -14.95 -25.47
CA GLU B 151 6.29 -14.26 -26.30
C GLU B 151 6.70 -12.79 -26.43
N CYS B 152 6.29 -12.17 -27.51
CA CYS B 152 6.40 -10.72 -27.65
C CYS B 152 4.99 -10.14 -27.77
N VAL B 153 4.78 -8.98 -27.14
CA VAL B 153 3.48 -8.33 -27.19
C VAL B 153 3.60 -6.84 -27.49
N SER B 154 2.55 -6.29 -28.10
CA SER B 154 2.50 -4.85 -28.36
C SER B 154 1.05 -4.37 -28.30
N LEU B 155 0.86 -3.06 -28.23
CA LEU B 155 -0.47 -2.47 -28.34
C LEU B 155 -0.96 -2.51 -29.77
N VAL B 156 -0.11 -2.11 -30.70
CA VAL B 156 -0.50 -1.96 -32.10
C VAL B 156 0.36 -2.82 -33.01
N GLU B 157 -0.28 -3.44 -33.99
CA GLU B 157 0.43 -4.23 -35.00
C GLU B 157 0.09 -3.71 -36.39
N LEU B 158 1.13 -3.48 -37.21
CA LEU B 158 0.93 -3.04 -38.58
C LEU B 158 1.16 -4.19 -39.55
N THR B 159 0.07 -4.87 -39.91
CA THR B 159 0.15 -6.25 -40.42
C THR B 159 0.80 -6.34 -41.79
N SER B 160 0.68 -5.27 -42.58
CA SER B 160 1.22 -5.26 -43.95
C SER B 160 2.75 -5.33 -43.95
N LEU B 161 3.36 -5.04 -42.81
CA LEU B 161 4.81 -4.98 -42.70
C LEU B 161 5.39 -6.34 -42.25
N LYS B 162 4.51 -7.28 -41.94
CA LYS B 162 4.90 -8.68 -41.74
C LYS B 162 5.83 -8.88 -40.54
N GLY B 163 5.75 -7.98 -39.57
CA GLY B 163 6.55 -8.10 -38.35
C GLY B 163 6.46 -9.46 -37.71
N ARG B 164 5.25 -10.00 -37.65
CA ARG B 164 5.01 -11.26 -36.94
C ARG B 164 5.81 -12.42 -37.57
N GLU B 165 6.01 -12.38 -38.88
CA GLU B 165 6.78 -13.42 -39.58
C GLU B 165 8.26 -13.41 -39.20
N LYS B 166 8.79 -12.23 -38.92
CA LYS B 166 10.19 -12.10 -38.49
C LYS B 166 10.41 -12.64 -37.09
N LEU B 167 9.37 -12.56 -36.25
CA LEU B 167 9.45 -13.07 -34.89
C LEU B 167 9.20 -14.59 -34.82
N ALA B 168 8.53 -15.12 -35.83
CA ALA B 168 8.19 -16.54 -35.89
C ALA B 168 9.45 -17.39 -35.72
N PRO B 169 9.41 -18.40 -34.84
CA PRO B 169 8.16 -18.96 -34.33
C PRO B 169 7.81 -18.48 -32.93
N VAL B 170 8.51 -17.46 -32.45
CA VAL B 170 8.16 -16.86 -31.17
C VAL B 170 6.74 -16.29 -31.26
N PRO B 171 5.88 -16.64 -30.30
CA PRO B 171 4.51 -16.16 -30.28
C PRO B 171 4.44 -14.65 -30.20
N PHE B 172 3.50 -14.05 -30.93
CA PHE B 172 3.25 -12.62 -30.83
C PHE B 172 1.78 -12.31 -30.61
N PHE B 173 1.52 -11.25 -29.85
CA PHE B 173 0.16 -10.83 -29.55
C PHE B 173 0.06 -9.31 -29.53
N SER B 174 -0.91 -8.78 -30.27
CA SER B 174 -1.24 -7.36 -30.25
C SER B 174 -2.73 -7.16 -29.98
N LEU B 175 -3.05 -6.06 -29.32
CA LEU B 175 -4.44 -5.68 -29.08
C LEU B 175 -5.11 -5.15 -30.34
N LEU B 176 -4.35 -4.36 -31.11
CA LEU B 176 -4.91 -3.65 -32.25
C LEU B 176 -4.12 -3.96 -33.52
N GLN B 177 -4.84 -4.23 -34.60
CA GLN B 177 -4.21 -4.46 -35.90
C GLN B 177 -4.65 -3.41 -36.93
N TYR B 178 -3.68 -2.87 -37.65
CA TYR B 178 -3.93 -2.09 -38.86
C TYR B 178 -3.13 -2.67 -40.01
N GLU B 179 -3.62 -2.52 -41.23
CA GLU B 179 -2.86 -2.97 -42.40
C GLU B 179 -1.55 -2.19 -42.47
N ALA C 1 12.53 5.80 10.18
CA ALA C 1 12.99 5.53 8.79
C ALA C 1 11.98 4.65 8.05
N ASP C 2 11.32 5.22 7.06
CA ASP C 2 10.25 4.55 6.33
C ASP C 2 10.77 3.31 5.58
N SER C 3 10.22 2.15 5.92
CA SER C 3 10.62 0.91 5.27
CA SER C 3 10.61 0.90 5.26
C SER C 3 10.40 0.99 3.75
N GLU C 4 9.33 1.67 3.35
CA GLU C 4 9.03 1.88 1.93
C GLU C 4 10.15 2.63 1.21
N LEU C 5 10.73 3.63 1.89
CA LEU C 5 11.86 4.38 1.32
C LEU C 5 13.06 3.46 1.14
N GLN C 6 13.29 2.61 2.14
CA GLN C 6 14.44 1.69 2.13
C GLN C 6 14.38 0.69 0.97
N LEU C 7 13.18 0.24 0.61
CA LEU C 7 13.03 -0.70 -0.49
C LEU C 7 13.50 -0.09 -1.81
N VAL C 8 13.28 1.21 -1.96
CA VAL C 8 13.74 1.93 -3.14
C VAL C 8 15.24 2.18 -3.07
N GLU C 9 15.68 2.74 -1.94
CA GLU C 9 17.08 3.09 -1.73
C GLU C 9 18.00 1.91 -2.02
N GLN C 10 17.60 0.74 -1.54
CA GLN C 10 18.42 -0.46 -1.62
C GLN C 10 18.59 -0.96 -3.07
N ARG C 11 17.86 -0.35 -4.00
CA ARG C 11 17.85 -0.83 -5.38
C ARG C 11 18.45 0.19 -6.35
N ILE C 12 19.20 1.15 -5.83
CA ILE C 12 19.99 2.05 -6.67
C ILE C 12 21.43 1.56 -6.76
N ARG C 13 21.94 1.47 -7.98
CA ARG C 13 23.33 1.10 -8.21
C ARG C 13 24.09 2.32 -8.69
N SER C 14 25.35 2.44 -8.30
CA SER C 14 26.19 3.56 -8.73
C SER C 14 27.33 3.10 -9.63
N PHE C 15 27.50 3.81 -10.75
CA PHE C 15 28.61 3.57 -11.67
C PHE C 15 29.44 4.83 -11.82
N PRO C 16 30.76 4.73 -11.61
CA PRO C 16 31.64 5.88 -11.75
C PRO C 16 31.98 6.19 -13.21
N ASP C 17 32.01 7.48 -13.54
CA ASP C 17 32.57 7.94 -14.82
C ASP C 17 31.77 7.42 -16.01
N PHE C 18 30.46 7.30 -15.85
CA PHE C 18 29.57 7.05 -16.97
C PHE C 18 28.49 8.13 -17.00
N PRO C 19 28.23 8.73 -18.17
CA PRO C 19 28.79 8.34 -19.47
C PRO C 19 30.05 9.11 -19.88
N THR C 20 30.54 9.97 -18.99
CA THR C 20 31.75 10.76 -19.24
C THR C 20 32.52 10.87 -17.93
N PRO C 21 33.81 11.27 -18.00
CA PRO C 21 34.51 11.36 -16.73
C PRO C 21 33.85 12.30 -15.72
N GLY C 22 33.79 11.86 -14.47
CA GLY C 22 33.40 12.74 -13.36
C GLY C 22 31.94 12.61 -12.98
N VAL C 23 31.16 11.96 -13.82
CA VAL C 23 29.76 11.68 -13.48
C VAL C 23 29.66 10.39 -12.67
N VAL C 24 28.92 10.45 -11.57
CA VAL C 24 28.55 9.24 -10.84
C VAL C 24 27.12 8.85 -11.20
N PHE C 25 27.00 7.79 -11.99
CA PHE C 25 25.74 7.43 -12.61
C PHE C 25 24.89 6.58 -11.67
N ARG C 26 23.71 7.10 -11.31
CA ARG C 26 22.77 6.32 -10.52
C ARG C 26 21.87 5.49 -11.41
N ASP C 27 22.03 4.18 -11.33
CA ASP C 27 21.28 3.24 -12.16
C ASP C 27 20.00 2.82 -11.46
N ILE C 28 18.85 3.16 -12.05
CA ILE C 28 17.55 2.83 -11.48
C ILE C 28 17.10 1.41 -11.84
N SER C 29 17.87 0.73 -12.67
CA SER C 29 17.42 -0.53 -13.25
C SER C 29 16.92 -1.51 -12.18
N PRO C 30 17.65 -1.64 -11.07
CA PRO C 30 17.26 -2.63 -10.07
C PRO C 30 15.88 -2.34 -9.45
N VAL C 31 15.49 -1.07 -9.42
CA VAL C 31 14.17 -0.70 -8.87
C VAL C 31 13.06 -1.25 -9.75
N LEU C 32 13.27 -1.20 -11.06
CA LEU C 32 12.30 -1.69 -12.02
C LEU C 32 12.23 -3.22 -12.00
N LYS C 33 13.39 -3.84 -11.80
CA LYS C 33 13.50 -5.30 -11.85
C LYS C 33 12.94 -5.96 -10.59
N ASP C 34 12.90 -5.19 -9.50
CA ASP C 34 12.31 -5.65 -8.24
C ASP C 34 10.90 -5.10 -8.05
N PRO C 35 9.88 -5.94 -8.25
CA PRO C 35 8.50 -5.45 -8.27
C PRO C 35 8.09 -4.79 -6.96
N ALA C 36 8.63 -5.27 -5.85
CA ALA C 36 8.35 -4.68 -4.54
C ALA C 36 8.90 -3.25 -4.45
N SER C 37 10.07 -3.03 -5.05
CA SER C 37 10.73 -1.75 -5.00
C SER C 37 10.01 -0.72 -5.88
N PHE C 38 9.68 -1.14 -7.09
CA PHE C 38 8.94 -0.29 -8.03
C PHE C 38 7.60 0.16 -7.43
N ARG C 39 6.88 -0.81 -6.87
CA ARG C 39 5.58 -0.56 -6.27
C ARG C 39 5.68 0.41 -5.10
N ALA C 40 6.74 0.28 -4.31
CA ALA C 40 6.98 1.18 -3.18
C ALA C 40 7.25 2.61 -3.67
N ALA C 41 8.04 2.71 -4.73
CA ALA C 41 8.38 4.01 -5.32
C ALA C 41 7.12 4.73 -5.82
N ILE C 42 6.27 4.02 -6.54
CA ILE C 42 5.04 4.60 -7.06
C ILE C 42 4.11 5.00 -5.93
N GLY C 43 3.94 4.10 -4.96
CA GLY C 43 3.10 4.38 -3.79
C GLY C 43 3.52 5.61 -3.01
N LEU C 44 4.83 5.79 -2.86
CA LEU C 44 5.36 6.94 -2.12
C LEU C 44 5.11 8.26 -2.86
N LEU C 45 5.31 8.25 -4.17
CA LEU C 45 5.05 9.44 -4.99
C LEU C 45 3.58 9.80 -4.95
N ALA C 46 2.73 8.80 -5.12
CA ALA C 46 1.28 9.02 -5.19
C ALA C 46 0.73 9.53 -3.86
N ARG C 47 1.18 8.94 -2.77
CA ARG C 47 0.80 9.40 -1.43
C ARG C 47 1.22 10.86 -1.20
N HIS C 48 2.43 11.21 -1.63
CA HIS C 48 2.87 12.61 -1.54
C HIS C 48 1.95 13.53 -2.31
N LEU C 49 1.68 13.17 -3.57
CA LEU C 49 0.89 14.01 -4.47
C LEU C 49 -0.56 14.12 -4.01
N LYS C 50 -1.11 13.04 -3.46
CA LYS C 50 -2.48 13.04 -2.97
C LYS C 50 -2.63 13.98 -1.77
N ALA C 51 -1.65 13.94 -0.88
CA ALA C 51 -1.66 14.81 0.30
C ALA C 51 -1.43 16.27 -0.06
N THR C 52 -0.64 16.52 -1.09
CA THR C 52 -0.19 17.88 -1.41
C THR C 52 -1.17 18.62 -2.32
N HIS C 53 -1.93 17.88 -3.11
CA HIS C 53 -2.80 18.50 -4.12
C HIS C 53 -4.26 18.04 -4.03
N GLY C 54 -4.54 17.08 -3.15
CA GLY C 54 -5.91 16.70 -2.83
C GLY C 54 -6.72 16.26 -4.04
N GLY C 55 -6.03 15.77 -5.06
CA GLY C 55 -6.69 15.26 -6.26
C GLY C 55 -6.87 16.31 -7.34
N ARG C 56 -6.46 17.55 -7.04
CA ARG C 56 -6.60 18.65 -7.99
C ARG C 56 -5.49 18.61 -9.03
N ILE C 57 -5.36 17.47 -9.70
CA ILE C 57 -4.42 17.32 -10.80
C ILE C 57 -5.17 16.78 -12.01
N ASP C 58 -4.87 17.34 -13.18
CA ASP C 58 -5.51 16.89 -14.42
C ASP C 58 -4.66 15.85 -15.14
N TYR C 59 -3.35 16.09 -15.22
CA TYR C 59 -2.45 15.16 -15.89
C TYR C 59 -1.10 15.06 -15.22
N ILE C 60 -0.52 13.86 -15.32
CA ILE C 60 0.91 13.66 -15.09
C ILE C 60 1.64 13.79 -16.42
N ALA C 61 2.80 14.43 -16.41
CA ALA C 61 3.65 14.49 -17.59
C ALA C 61 4.92 13.69 -17.35
N GLY C 62 5.14 12.69 -18.20
CA GLY C 62 6.34 11.87 -18.11
C GLY C 62 7.41 12.32 -19.09
N LEU C 63 8.66 12.33 -18.64
CA LEU C 63 9.77 12.84 -19.45
C LEU C 63 10.57 11.70 -20.09
N ASP C 64 10.55 11.69 -21.42
CA ASP C 64 11.34 10.81 -22.27
C ASP C 64 12.81 10.87 -21.84
N SER C 65 13.44 9.73 -21.53
CA SER C 65 12.81 8.41 -21.69
CA SER C 65 12.81 8.41 -21.69
C SER C 65 12.56 7.75 -20.34
N ARG C 66 13.49 7.91 -19.41
CA ARG C 66 13.43 7.19 -18.14
C ARG C 66 12.25 7.63 -17.27
N GLY C 67 11.71 8.80 -17.54
CA GLY C 67 10.47 9.26 -16.88
C GLY C 67 9.27 8.45 -17.34
N PHE C 68 9.38 7.86 -18.53
CA PHE C 68 8.32 7.02 -19.08
C PHE C 68 8.12 5.78 -18.21
N LEU C 69 9.16 5.39 -17.50
CA LEU C 69 9.10 4.20 -16.65
C LEU C 69 8.18 4.43 -15.46
N PHE C 70 8.03 5.70 -15.05
CA PHE C 70 7.29 6.00 -13.83
C PHE C 70 5.98 6.77 -14.09
N GLY C 71 5.94 7.51 -15.19
CA GLY C 71 4.84 8.41 -15.49
C GLY C 71 3.47 7.75 -15.52
N PRO C 72 3.31 6.74 -16.38
CA PRO C 72 2.04 6.02 -16.53
C PRO C 72 1.58 5.29 -15.28
N SER C 73 2.51 4.61 -14.62
CA SER C 73 2.19 3.87 -13.39
C SER C 73 1.70 4.82 -12.31
N LEU C 74 2.39 5.94 -12.16
CA LEU C 74 2.01 6.95 -11.17
C LEU C 74 0.66 7.58 -11.56
N ALA C 75 0.50 7.91 -12.83
CA ALA C 75 -0.78 8.42 -13.32
C ALA C 75 -1.91 7.44 -13.01
N GLN C 76 -1.68 6.17 -13.34
CA GLN C 76 -2.71 5.15 -13.14
C GLN C 76 -3.09 5.05 -11.67
N GLU C 77 -2.09 5.20 -10.80
CA GLU C 77 -2.32 5.11 -9.36
C GLU C 77 -3.26 6.22 -8.90
N LEU C 78 -3.14 7.39 -9.53
CA LEU C 78 -3.90 8.57 -9.12
C LEU C 78 -5.16 8.73 -9.96
N GLY C 79 -5.42 7.75 -10.82
CA GLY C 79 -6.58 7.78 -11.69
C GLY C 79 -6.51 8.87 -12.75
N LEU C 80 -5.31 9.20 -13.18
CA LEU C 80 -5.09 10.31 -14.10
C LEU C 80 -4.52 9.82 -15.43
N GLY C 81 -4.61 10.66 -16.45
CA GLY C 81 -3.91 10.42 -17.70
C GLY C 81 -2.46 10.84 -17.60
N CYS C 82 -1.67 10.41 -18.57
CA CYS C 82 -0.26 10.75 -18.65
C CYS C 82 0.03 11.39 -20.00
N VAL C 83 0.62 12.58 -19.99
CA VAL C 83 1.05 13.22 -21.23
C VAL C 83 2.54 13.04 -21.43
N LEU C 84 2.95 13.01 -22.69
CA LEU C 84 4.32 12.70 -23.04
C LEU C 84 5.07 13.97 -23.41
N ILE C 85 6.24 14.11 -22.83
CA ILE C 85 7.19 15.13 -23.27
C ILE C 85 8.45 14.43 -23.76
N ARG C 86 8.75 14.59 -25.05
CA ARG C 86 9.73 13.74 -25.72
C ARG C 86 10.96 14.50 -26.21
N LYS C 87 12.02 13.75 -26.51
CA LYS C 87 13.18 14.31 -27.21
C LYS C 87 12.75 14.74 -28.60
N ARG C 88 13.28 15.86 -29.06
CA ARG C 88 12.81 16.49 -30.29
C ARG C 88 12.87 15.51 -31.46
N GLY C 89 11.83 15.51 -32.28
CA GLY C 89 11.82 14.74 -33.53
C GLY C 89 11.02 13.46 -33.45
N LYS C 90 10.52 13.13 -32.26
CA LYS C 90 9.89 11.83 -32.03
C LYS C 90 8.36 11.90 -32.04
N LEU C 91 7.81 13.09 -31.79
CA LEU C 91 6.35 13.27 -31.74
C LEU C 91 5.78 13.80 -33.06
N PRO C 92 4.60 13.28 -33.45
CA PRO C 92 3.95 13.74 -34.68
C PRO C 92 3.06 14.96 -34.44
N GLY C 93 2.69 15.63 -35.53
CA GLY C 93 1.76 16.76 -35.46
C GLY C 93 2.46 18.04 -35.04
N PRO C 94 1.69 19.13 -34.88
CA PRO C 94 2.27 20.39 -34.43
C PRO C 94 2.87 20.27 -33.03
N THR C 95 4.05 20.87 -32.85
CA THR C 95 4.79 20.75 -31.61
C THR C 95 5.46 22.07 -31.23
N LEU C 96 5.82 22.18 -29.96
CA LEU C 96 6.75 23.21 -29.48
C LEU C 96 7.98 22.51 -28.93
N TRP C 97 9.12 23.16 -29.01
CA TRP C 97 10.34 22.56 -28.48
C TRP C 97 11.26 23.58 -27.82
N ALA C 98 12.15 23.06 -26.98
CA ALA C 98 13.07 23.91 -26.21
C ALA C 98 14.40 23.19 -26.02
N SER C 99 15.49 23.91 -26.22
CA SER C 99 16.81 23.37 -25.97
C SER C 99 17.17 23.53 -24.50
N TYR C 100 18.05 22.67 -24.02
CA TYR C 100 18.49 22.71 -22.63
C TYR C 100 19.77 21.90 -22.47
N SER C 101 20.41 22.09 -21.33
CA SER C 101 21.53 21.26 -20.94
C SER C 101 21.16 20.41 -19.73
N LEU C 102 21.63 19.17 -19.73
CA LEU C 102 21.49 18.28 -18.59
C LEU C 102 22.91 18.03 -18.07
N GLU C 103 23.04 17.17 -17.07
CA GLU C 103 24.33 17.02 -16.38
C GLU C 103 25.49 16.75 -17.35
N TYR C 104 25.29 15.82 -18.27
CA TYR C 104 26.38 15.32 -19.11
C TYR C 104 26.13 15.51 -20.60
N GLY C 105 25.35 16.52 -20.95
CA GLY C 105 25.24 16.93 -22.35
C GLY C 105 24.15 17.95 -22.60
N LYS C 106 23.75 18.07 -23.87
CA LYS C 106 22.65 18.94 -24.25
C LYS C 106 21.66 18.19 -25.11
N ALA C 107 20.43 18.71 -25.17
CA ALA C 107 19.37 18.06 -25.92
C ALA C 107 18.25 19.04 -26.20
N GLU C 108 17.16 18.52 -26.76
CA GLU C 108 15.98 19.34 -27.01
C GLU C 108 14.73 18.53 -26.70
N LEU C 109 13.85 19.13 -25.91
CA LEU C 109 12.57 18.51 -25.57
C LEU C 109 11.45 19.11 -26.41
N GLU C 110 10.37 18.35 -26.57
CA GLU C 110 9.28 18.73 -27.44
C GLU C 110 7.96 18.26 -26.86
N ILE C 111 6.88 18.95 -27.22
CA ILE C 111 5.54 18.59 -26.76
C ILE C 111 4.53 18.91 -27.86
N GLN C 112 3.53 18.06 -28.03
CA GLN C 112 2.47 18.30 -29.01
C GLN C 112 1.62 19.49 -28.55
N LYS C 113 1.30 20.37 -29.50
CA LYS C 113 0.61 21.63 -29.19
C LYS C 113 -0.74 21.39 -28.51
N ASP C 114 -1.33 20.22 -28.74
CA ASP C 114 -2.65 19.91 -28.20
C ASP C 114 -2.58 18.94 -27.00
N ALA C 115 -1.39 18.81 -26.41
CA ALA C 115 -1.22 17.93 -25.25
C ALA C 115 -2.04 18.41 -24.06
N LEU C 116 -2.16 19.72 -23.92
CA LEU C 116 -2.82 20.32 -22.78
C LEU C 116 -3.57 21.58 -23.21
N GLU C 117 -4.75 21.78 -22.64
CA GLU C 117 -5.50 23.02 -22.86
C GLU C 117 -5.13 24.03 -21.78
N PRO C 118 -5.30 25.32 -22.09
CA PRO C 118 -4.89 26.36 -21.15
C PRO C 118 -5.54 26.19 -19.78
N GLY C 119 -4.73 26.23 -18.72
CA GLY C 119 -5.25 26.23 -17.37
C GLY C 119 -5.24 24.86 -16.71
N GLN C 120 -4.99 23.82 -17.50
CA GLN C 120 -5.01 22.46 -16.96
C GLN C 120 -3.78 22.22 -16.08
N ARG C 121 -3.99 21.54 -14.97
CA ARG C 121 -2.97 21.41 -13.93
C ARG C 121 -2.17 20.13 -14.10
N VAL C 122 -0.86 20.24 -13.98
CA VAL C 122 0.04 19.14 -14.29
CA VAL C 122 0.03 19.12 -14.26
C VAL C 122 1.08 18.93 -13.18
N VAL C 123 1.44 17.68 -12.96
CA VAL C 123 2.61 17.33 -12.18
C VAL C 123 3.60 16.63 -13.11
N VAL C 124 4.84 17.10 -13.12
CA VAL C 124 5.88 16.51 -13.96
C VAL C 124 6.64 15.46 -13.17
N VAL C 125 6.86 14.30 -13.78
CA VAL C 125 7.66 13.25 -13.16
C VAL C 125 8.82 12.84 -14.06
N ASP C 126 9.99 12.70 -13.44
CA ASP C 126 11.16 12.11 -14.09
C ASP C 126 11.87 11.19 -13.10
N ASP C 127 12.76 10.36 -13.62
CA ASP C 127 13.46 9.38 -12.78
C ASP C 127 14.45 10.07 -11.85
N LEU C 128 15.14 11.07 -12.37
CA LEU C 128 16.26 11.68 -11.65
C LEU C 128 16.34 13.18 -11.90
N LEU C 129 16.55 13.94 -10.82
CA LEU C 129 16.87 15.37 -10.94
C LEU C 129 18.35 15.62 -10.69
N ALA C 130 19.03 16.19 -11.69
CA ALA C 130 20.43 16.56 -11.55
C ALA C 130 20.62 18.07 -11.57
N THR C 131 21.00 18.62 -12.72
CA THR C 131 21.13 20.07 -12.88
C THR C 131 19.76 20.75 -12.93
N GLY C 132 18.74 19.95 -13.26
CA GLY C 132 17.37 20.47 -13.37
C GLY C 132 17.04 20.99 -14.75
N GLY C 133 18.00 20.88 -15.67
CA GLY C 133 17.83 21.40 -17.02
C GLY C 133 16.67 20.75 -17.74
N THR C 134 16.62 19.41 -17.67
CA THR C 134 15.55 18.66 -18.32
C THR C 134 14.19 19.04 -17.77
N MET C 135 14.05 19.06 -16.45
CA MET C 135 12.77 19.39 -15.82
C MET C 135 12.35 20.81 -16.14
N ASN C 136 13.31 21.71 -16.19
CA ASN C 136 13.05 23.13 -16.45
C ASN C 136 12.53 23.35 -17.87
N ALA C 137 13.10 22.62 -18.81
CA ALA C 137 12.66 22.67 -20.20
C ALA C 137 11.22 22.16 -20.32
N ALA C 138 10.92 21.07 -19.61
CA ALA C 138 9.55 20.55 -19.59
C ALA C 138 8.58 21.59 -19.04
N CYS C 139 8.97 22.23 -17.94
CA CYS C 139 8.15 23.28 -17.33
C CYS C 139 7.95 24.43 -18.31
N GLU C 140 9.01 24.75 -19.05
CA GLU C 140 8.98 25.83 -20.04
C GLU C 140 7.94 25.55 -21.11
N LEU C 141 7.90 24.29 -21.58
CA LEU C 141 7.00 23.90 -22.65
C LEU C 141 5.55 23.87 -22.18
N LEU C 142 5.34 23.36 -20.96
CA LEU C 142 4.02 23.32 -20.37
C LEU C 142 3.48 24.73 -20.15
N GLY C 143 4.37 25.65 -19.80
CA GLY C 143 4.02 27.06 -19.65
C GLY C 143 3.57 27.68 -20.97
N ARG C 144 4.27 27.32 -22.04
CA ARG C 144 3.89 27.81 -23.36
CA ARG C 144 3.91 27.78 -23.38
C ARG C 144 2.48 27.35 -23.74
N LEU C 145 2.06 26.20 -23.20
CA LEU C 145 0.70 25.70 -23.43
C LEU C 145 -0.28 26.31 -22.43
N GLN C 146 0.24 27.17 -21.56
CA GLN C 146 -0.56 27.79 -20.49
C GLN C 146 -1.07 26.78 -19.50
N ALA C 147 -0.32 25.70 -19.31
CA ALA C 147 -0.61 24.74 -18.27
C ALA C 147 -0.10 25.29 -16.94
N GLU C 148 -0.78 24.95 -15.85
CA GLU C 148 -0.25 25.22 -14.53
C GLU C 148 0.53 24.01 -14.01
N VAL C 149 1.84 24.20 -13.88
CA VAL C 149 2.70 23.18 -13.31
C VAL C 149 2.67 23.27 -11.79
N LEU C 150 2.03 22.29 -11.16
CA LEU C 150 1.83 22.31 -9.70
C LEU C 150 3.10 21.89 -8.96
N GLU C 151 3.79 20.90 -9.53
CA GLU C 151 4.93 20.28 -8.84
C GLU C 151 5.75 19.42 -9.80
N CYS C 152 7.03 19.25 -9.48
CA CYS C 152 7.87 18.28 -10.17
C CYS C 152 8.35 17.23 -9.16
N VAL C 153 8.33 15.97 -9.57
CA VAL C 153 8.81 14.89 -8.70
C VAL C 153 9.80 13.97 -9.41
N SER C 154 10.72 13.40 -8.65
CA SER C 154 11.60 12.36 -9.14
C SER C 154 11.83 11.29 -8.08
N LEU C 155 12.43 10.19 -8.47
CA LEU C 155 12.87 9.18 -7.52
C LEU C 155 14.13 9.65 -6.82
N VAL C 156 15.07 10.18 -7.60
CA VAL C 156 16.39 10.51 -7.11
C VAL C 156 16.70 11.98 -7.32
N GLU C 157 17.33 12.60 -6.33
CA GLU C 157 17.77 13.98 -6.44
C GLU C 157 19.25 14.09 -6.10
N LEU C 158 20.02 14.72 -6.98
CA LEU C 158 21.46 14.91 -6.75
C LEU C 158 21.74 16.32 -6.25
N THR C 159 21.80 16.48 -4.93
CA THR C 159 21.60 17.77 -4.29
C THR C 159 22.74 18.76 -4.54
N SER C 160 23.92 18.24 -4.82
CA SER C 160 25.09 19.11 -5.03
C SER C 160 25.00 19.88 -6.33
N LEU C 161 24.11 19.46 -7.23
CA LEU C 161 23.94 20.12 -8.53
C LEU C 161 22.85 21.18 -8.50
N LYS C 162 22.18 21.32 -7.35
CA LYS C 162 21.25 22.43 -7.12
C LYS C 162 20.13 22.51 -8.15
N GLY C 163 19.66 21.35 -8.59
CA GLY C 163 18.51 21.29 -9.51
C GLY C 163 17.25 21.88 -8.91
N ARG C 164 17.02 21.60 -7.64
CA ARG C 164 15.88 22.17 -6.92
C ARG C 164 15.83 23.68 -7.13
N GLU C 165 16.96 24.34 -6.87
CA GLU C 165 17.03 25.79 -6.92
C GLU C 165 16.71 26.32 -8.33
N LYS C 166 17.13 25.57 -9.35
CA LYS C 166 16.83 25.94 -10.74
C LYS C 166 15.34 25.92 -11.03
N LEU C 167 14.61 25.02 -10.37
CA LEU C 167 13.18 24.85 -10.63
C LEU C 167 12.32 25.88 -9.91
N ALA C 168 12.84 26.42 -8.82
CA ALA C 168 12.10 27.39 -8.01
C ALA C 168 11.55 28.50 -8.91
N PRO C 169 10.32 28.95 -8.64
CA PRO C 169 9.58 28.59 -7.44
C PRO C 169 8.62 27.42 -7.63
N VAL C 170 8.74 26.71 -8.74
CA VAL C 170 8.02 25.45 -8.89
C VAL C 170 8.45 24.48 -7.79
N PRO C 171 7.49 24.02 -6.99
CA PRO C 171 7.79 23.02 -5.95
C PRO C 171 8.44 21.78 -6.54
N PHE C 172 9.29 21.14 -5.75
CA PHE C 172 9.92 19.89 -6.16
C PHE C 172 9.98 18.90 -5.00
N PHE C 173 9.82 17.62 -5.31
CA PHE C 173 9.89 16.57 -4.31
C PHE C 173 10.60 15.35 -4.87
N SER C 174 11.51 14.79 -4.08
CA SER C 174 12.22 13.58 -4.46
C SER C 174 12.13 12.53 -3.36
N LEU C 175 12.20 11.26 -3.73
CA LEU C 175 12.20 10.18 -2.76
C LEU C 175 13.57 10.07 -2.08
N LEU C 176 14.63 10.12 -2.89
CA LEU C 176 15.98 9.90 -2.39
C LEU C 176 16.89 11.06 -2.76
N GLN C 177 17.78 11.43 -1.84
CA GLN C 177 18.76 12.48 -2.08
C GLN C 177 20.19 11.97 -1.92
N TYR C 178 21.03 12.31 -2.88
CA TYR C 178 22.46 12.04 -2.80
C TYR C 178 23.22 13.36 -2.97
N GLU C 179 24.42 13.45 -2.41
CA GLU C 179 25.31 14.55 -2.80
C GLU C 179 25.72 14.38 -4.26
N SER D 3 -0.20 -18.11 41.59
CA SER D 3 0.78 -18.01 40.47
C SER D 3 0.14 -17.51 39.17
N GLU D 4 -1.19 -17.60 39.06
CA GLU D 4 -1.86 -17.04 37.90
C GLU D 4 -1.61 -15.55 37.78
N LEU D 5 -1.61 -14.87 38.91
CA LEU D 5 -1.32 -13.44 38.93
C LEU D 5 0.13 -13.19 38.53
N GLN D 6 1.02 -14.09 38.94
CA GLN D 6 2.45 -13.93 38.65
C GLN D 6 2.76 -14.14 37.16
N LEU D 7 1.92 -14.91 36.48
CA LEU D 7 2.04 -15.06 35.02
C LEU D 7 1.78 -13.71 34.32
N VAL D 8 0.89 -12.92 34.91
CA VAL D 8 0.59 -11.60 34.37
C VAL D 8 1.67 -10.61 34.79
N GLU D 9 1.99 -10.61 36.08
CA GLU D 9 2.99 -9.70 36.63
C GLU D 9 4.28 -9.74 35.84
N GLN D 10 4.75 -10.95 35.52
CA GLN D 10 6.07 -11.13 34.92
C GLN D 10 6.14 -10.63 33.48
N ARG D 11 4.99 -10.26 32.91
CA ARG D 11 4.92 -9.97 31.48
C ARG D 11 4.62 -8.49 31.21
N ILE D 12 5.02 -7.62 32.12
CA ILE D 12 4.98 -6.18 31.88
C ILE D 12 6.40 -5.63 31.72
N ARG D 13 6.63 -4.92 30.62
CA ARG D 13 7.90 -4.21 30.41
C ARG D 13 7.74 -2.74 30.65
N SER D 14 8.84 -2.07 30.97
CA SER D 14 8.80 -0.62 31.20
C SER D 14 9.81 0.15 30.35
N PHE D 15 9.35 1.27 29.82
CA PHE D 15 10.19 2.16 29.00
C PHE D 15 10.10 3.60 29.49
N PRO D 16 11.21 4.15 30.00
CA PRO D 16 11.21 5.53 30.50
C PRO D 16 11.10 6.55 29.37
N ASP D 17 10.27 7.57 29.59
CA ASP D 17 10.23 8.76 28.73
C ASP D 17 9.67 8.45 27.34
N PHE D 18 8.79 7.47 27.28
CA PHE D 18 7.91 7.29 26.13
C PHE D 18 6.44 7.46 26.57
N PRO D 19 5.63 8.16 25.80
CA PRO D 19 6.01 8.72 24.49
C PRO D 19 6.66 10.09 24.61
N THR D 20 6.71 10.60 25.84
CA THR D 20 7.28 11.92 26.10
C THR D 20 8.06 11.90 27.40
N PRO D 21 8.92 12.90 27.62
CA PRO D 21 9.65 12.93 28.88
C PRO D 21 8.72 12.94 30.09
N GLY D 22 9.12 12.25 31.15
CA GLY D 22 8.39 12.29 32.41
C GLY D 22 7.42 11.14 32.58
N VAL D 23 7.21 10.39 31.50
CA VAL D 23 6.36 9.20 31.56
C VAL D 23 7.19 7.93 31.60
N VAL D 24 6.87 7.03 32.52
CA VAL D 24 7.37 5.66 32.47
C VAL D 24 6.32 4.72 31.88
N PHE D 25 6.56 4.31 30.64
CA PHE D 25 5.55 3.59 29.86
C PHE D 25 5.57 2.10 30.19
N ARG D 26 4.43 1.59 30.64
CA ARG D 26 4.28 0.16 30.90
C ARG D 26 3.74 -0.55 29.67
N ASP D 27 4.57 -1.43 29.10
CA ASP D 27 4.26 -2.12 27.85
C ASP D 27 3.55 -3.45 28.12
N ILE D 28 2.33 -3.58 27.63
CA ILE D 28 1.54 -4.79 27.86
C ILE D 28 1.77 -5.86 26.78
N SER D 29 2.64 -5.55 25.81
CA SER D 29 2.83 -6.44 24.65
C SER D 29 3.16 -7.86 25.08
N PRO D 30 4.00 -8.03 26.10
CA PRO D 30 4.42 -9.38 26.50
C PRO D 30 3.28 -10.21 27.09
N VAL D 31 2.29 -9.55 27.68
CA VAL D 31 1.11 -10.25 28.18
C VAL D 31 0.33 -10.84 27.03
N LEU D 32 0.20 -10.07 25.95
CA LEU D 32 -0.53 -10.53 24.77
C LEU D 32 0.24 -11.64 24.06
N LYS D 33 1.57 -11.53 24.08
CA LYS D 33 2.42 -12.44 23.32
C LYS D 33 2.52 -13.83 23.96
N ASP D 34 2.29 -13.90 25.27
CA ASP D 34 2.36 -15.16 26.01
C ASP D 34 0.95 -15.67 26.29
N PRO D 35 0.52 -16.73 25.58
CA PRO D 35 -0.87 -17.16 25.68
C PRO D 35 -1.30 -17.46 27.12
N ALA D 36 -0.42 -18.07 27.89
CA ALA D 36 -0.72 -18.42 29.28
C ALA D 36 -0.94 -17.17 30.12
N SER D 37 -0.17 -16.13 29.83
CA SER D 37 -0.29 -14.86 30.53
C SER D 37 -1.65 -14.22 30.26
N PHE D 38 -1.99 -14.12 28.98
CA PHE D 38 -3.22 -13.46 28.57
C PHE D 38 -4.45 -14.19 29.12
N ARG D 39 -4.42 -15.51 29.03
CA ARG D 39 -5.53 -16.33 29.55
C ARG D 39 -5.71 -16.12 31.05
N ALA D 40 -4.62 -16.10 31.78
CA ALA D 40 -4.66 -15.85 33.23
C ALA D 40 -5.33 -14.50 33.51
N ALA D 41 -5.01 -13.50 32.71
CA ALA D 41 -5.52 -12.15 32.92
C ALA D 41 -7.03 -12.09 32.72
N ILE D 42 -7.49 -12.60 31.59
CA ILE D 42 -8.93 -12.64 31.28
C ILE D 42 -9.68 -13.42 32.36
N GLY D 43 -9.12 -14.57 32.75
CA GLY D 43 -9.73 -15.42 33.76
C GLY D 43 -9.84 -14.75 35.12
N LEU D 44 -8.78 -14.05 35.52
CA LEU D 44 -8.79 -13.31 36.77
C LEU D 44 -9.81 -12.18 36.75
N LEU D 45 -9.86 -11.46 35.63
CA LEU D 45 -10.83 -10.37 35.46
C LEU D 45 -12.25 -10.91 35.49
N ALA D 46 -12.48 -12.00 34.76
CA ALA D 46 -13.81 -12.58 34.64
C ALA D 46 -14.33 -13.07 35.99
N ARG D 47 -13.47 -13.78 36.73
CA ARG D 47 -13.84 -14.36 38.02
CA ARG D 47 -13.88 -14.36 38.00
C ARG D 47 -14.15 -13.27 39.04
N HIS D 48 -13.40 -12.17 38.96
CA HIS D 48 -13.66 -11.03 39.82
C HIS D 48 -15.04 -10.43 39.54
N LEU D 49 -15.36 -10.28 38.26
CA LEU D 49 -16.60 -9.64 37.84
C LEU D 49 -17.84 -10.49 38.13
N LYS D 50 -17.73 -11.79 37.85
CA LYS D 50 -18.79 -12.73 38.21
C LYS D 50 -19.04 -12.72 39.71
N ALA D 51 -17.97 -12.61 40.48
CA ALA D 51 -18.06 -12.61 41.94
C ALA D 51 -18.69 -11.32 42.44
N THR D 52 -18.42 -10.22 41.74
CA THR D 52 -18.79 -8.90 42.23
C THR D 52 -20.19 -8.51 41.79
N HIS D 53 -20.57 -8.95 40.59
CA HIS D 53 -21.81 -8.45 39.97
C HIS D 53 -22.81 -9.55 39.62
N GLY D 54 -22.46 -10.80 39.89
CA GLY D 54 -23.35 -11.92 39.61
C GLY D 54 -23.82 -11.89 38.16
N GLY D 55 -25.13 -11.98 37.96
CA GLY D 55 -25.68 -11.98 36.61
C GLY D 55 -26.29 -10.65 36.23
N ARG D 56 -25.65 -9.56 36.63
CA ARG D 56 -26.25 -8.23 36.54
C ARG D 56 -25.61 -7.37 35.45
N ILE D 57 -24.54 -7.87 34.85
CA ILE D 57 -23.88 -7.16 33.75
C ILE D 57 -24.56 -7.46 32.42
N ASP D 58 -24.91 -6.41 31.69
CA ASP D 58 -25.50 -6.54 30.36
C ASP D 58 -24.42 -6.54 29.27
N TYR D 59 -23.47 -5.62 29.36
CA TYR D 59 -22.42 -5.48 28.34
C TYR D 59 -21.08 -5.10 28.96
N ILE D 60 -20.01 -5.52 28.29
CA ILE D 60 -18.70 -4.91 28.46
C ILE D 60 -18.53 -3.77 27.45
N ALA D 61 -17.90 -2.68 27.87
CA ALA D 61 -17.46 -1.65 26.95
C ALA D 61 -15.93 -1.57 26.96
N GLY D 62 -15.33 -1.68 25.79
CA GLY D 62 -13.88 -1.66 25.65
C GLY D 62 -13.42 -0.36 25.05
N LEU D 63 -12.34 0.21 25.58
CA LEU D 63 -11.88 1.52 25.11
C LEU D 63 -10.80 1.41 24.04
N ASP D 64 -11.11 2.02 22.89
CA ASP D 64 -10.18 2.19 21.77
C ASP D 64 -8.90 2.81 22.31
N SER D 65 -7.69 2.29 22.00
CA SER D 65 -7.46 1.11 21.15
CA SER D 65 -7.47 1.11 21.16
C SER D 65 -7.06 -0.12 21.99
N ARG D 66 -6.14 0.08 22.94
CA ARG D 66 -5.60 -1.03 23.74
C ARG D 66 -6.68 -1.72 24.58
N GLY D 67 -7.74 -1.00 24.92
CA GLY D 67 -8.89 -1.62 25.58
C GLY D 67 -9.52 -2.72 24.74
N PHE D 68 -9.40 -2.57 23.42
CA PHE D 68 -9.95 -3.53 22.46
C PHE D 68 -9.32 -4.92 22.59
N LEU D 69 -8.10 -4.95 23.13
CA LEU D 69 -7.36 -6.20 23.26
C LEU D 69 -7.97 -7.12 24.32
N PHE D 70 -8.67 -6.52 25.28
CA PHE D 70 -9.19 -7.27 26.43
C PHE D 70 -10.70 -7.36 26.42
N GLY D 71 -11.36 -6.28 26.00
CA GLY D 71 -12.81 -6.19 26.01
C GLY D 71 -13.50 -7.43 25.48
N PRO D 72 -13.29 -7.73 24.18
CA PRO D 72 -14.02 -8.82 23.54
C PRO D 72 -13.73 -10.18 24.17
N SER D 73 -12.50 -10.41 24.60
CA SER D 73 -12.13 -11.65 25.26
C SER D 73 -12.84 -11.80 26.60
N LEU D 74 -12.86 -10.71 27.35
CA LEU D 74 -13.50 -10.69 28.67
C LEU D 74 -15.01 -10.88 28.53
N ALA D 75 -15.60 -10.21 27.55
CA ALA D 75 -17.03 -10.34 27.29
C ALA D 75 -17.39 -11.77 26.91
N GLN D 76 -16.61 -12.33 25.98
CA GLN D 76 -16.85 -13.70 25.54
CA GLN D 76 -16.80 -13.71 25.53
C GLN D 76 -16.77 -14.66 26.73
N GLU D 77 -15.79 -14.45 27.59
CA GLU D 77 -15.61 -15.29 28.77
C GLU D 77 -16.84 -15.23 29.69
N LEU D 78 -17.52 -14.08 29.70
CA LEU D 78 -18.67 -13.88 30.58
C LEU D 78 -20.00 -14.08 29.86
N GLY D 79 -19.93 -14.39 28.57
CA GLY D 79 -21.13 -14.66 27.77
C GLY D 79 -21.86 -13.40 27.35
N LEU D 80 -21.13 -12.29 27.30
CA LEU D 80 -21.72 -10.98 27.06
C LEU D 80 -21.24 -10.38 25.75
N GLY D 81 -22.00 -9.42 25.25
CA GLY D 81 -21.56 -8.60 24.12
C GLY D 81 -20.59 -7.51 24.56
N CYS D 82 -19.86 -6.98 23.59
CA CYS D 82 -18.93 -5.89 23.84
C CYS D 82 -19.33 -4.69 23.00
N VAL D 83 -19.52 -3.54 23.65
CA VAL D 83 -19.75 -2.28 22.94
C VAL D 83 -18.46 -1.50 22.78
N LEU D 84 -18.38 -0.69 21.72
CA LEU D 84 -17.15 0.01 21.37
C LEU D 84 -17.24 1.47 21.74
N ILE D 85 -16.24 1.94 22.48
CA ILE D 85 -16.02 3.35 22.69
C ILE D 85 -14.72 3.76 22.01
N ARG D 86 -14.83 4.59 20.96
CA ARG D 86 -13.74 4.81 20.02
C ARG D 86 -13.21 6.25 20.10
N LYS D 87 -11.99 6.46 19.62
CA LYS D 87 -11.46 7.81 19.47
C LYS D 87 -12.32 8.56 18.45
N ARG D 88 -12.52 9.85 18.69
CA ARG D 88 -13.51 10.60 17.93
C ARG D 88 -13.16 10.59 16.45
N GLY D 89 -14.18 10.41 15.61
CA GLY D 89 -14.00 10.43 14.17
C GLY D 89 -14.05 9.05 13.53
N LYS D 90 -14.07 8.01 14.35
CA LYS D 90 -13.84 6.64 13.85
C LYS D 90 -15.13 5.84 13.64
N LEU D 91 -16.19 6.20 14.35
CA LEU D 91 -17.45 5.46 14.30
C LEU D 91 -18.44 6.13 13.37
N PRO D 92 -19.21 5.32 12.60
CA PRO D 92 -20.25 5.84 11.73
C PRO D 92 -21.53 6.15 12.48
N GLY D 93 -22.42 6.90 11.85
CA GLY D 93 -23.77 7.11 12.37
C GLY D 93 -23.78 8.19 13.44
N PRO D 94 -24.96 8.47 13.99
CA PRO D 94 -25.08 9.45 15.06
C PRO D 94 -24.21 9.06 16.25
N THR D 95 -23.51 10.05 16.81
CA THR D 95 -22.60 9.77 17.92
C THR D 95 -22.63 10.85 19.00
N LEU D 96 -22.20 10.48 20.20
CA LEU D 96 -21.85 11.43 21.25
C LEU D 96 -20.34 11.42 21.40
N TRP D 97 -19.75 12.55 21.78
CA TRP D 97 -18.31 12.59 22.01
C TRP D 97 -17.95 13.44 23.23
N ALA D 98 -16.77 13.19 23.78
CA ALA D 98 -16.29 13.95 24.92
C ALA D 98 -14.77 14.07 24.93
N SER D 99 -14.30 15.28 25.18
CA SER D 99 -12.87 15.54 25.24
C SER D 99 -12.33 15.30 26.65
N TYR D 100 -11.04 14.98 26.74
CA TYR D 100 -10.43 14.69 28.03
C TYR D 100 -8.92 14.80 27.96
N SER D 101 -8.30 14.84 29.14
CA SER D 101 -6.86 14.73 29.24
C SER D 101 -6.47 13.37 29.79
N LEU D 102 -5.44 12.77 29.20
CA LEU D 102 -4.81 11.58 29.75
C LEU D 102 -3.39 11.93 30.20
N GLU D 103 -2.64 10.95 30.69
CA GLU D 103 -1.36 11.23 31.32
C GLU D 103 -0.45 12.07 30.43
N TYR D 104 -0.38 11.70 29.15
CA TYR D 104 0.63 12.31 28.27
C TYR D 104 0.02 12.96 27.03
N GLY D 105 -1.22 13.44 27.14
CA GLY D 105 -1.82 14.20 26.06
C GLY D 105 -3.30 14.50 26.26
N LYS D 106 -3.90 15.06 25.23
CA LYS D 106 -5.35 15.27 25.20
CA LYS D 106 -5.35 15.28 25.20
C LYS D 106 -5.97 14.41 24.12
N ALA D 107 -7.26 14.09 24.29
CA ALA D 107 -7.94 13.25 23.32
C ALA D 107 -9.45 13.38 23.45
N GLU D 108 -10.16 12.64 22.60
CA GLU D 108 -11.61 12.69 22.54
C GLU D 108 -12.16 11.30 22.24
N LEU D 109 -13.13 10.88 23.04
CA LEU D 109 -13.78 9.61 22.81
C LEU D 109 -15.19 9.82 22.28
N GLU D 110 -15.73 8.78 21.66
CA GLU D 110 -17.02 8.84 21.01
C GLU D 110 -17.73 7.51 21.18
N ILE D 111 -19.06 7.56 21.17
CA ILE D 111 -19.87 6.36 21.22
C ILE D 111 -21.09 6.54 20.33
N GLN D 112 -21.54 5.45 19.72
CA GLN D 112 -22.73 5.50 18.88
C GLN D 112 -23.97 5.68 19.76
N LYS D 113 -24.90 6.52 19.31
CA LYS D 113 -26.07 6.87 20.11
C LYS D 113 -26.93 5.66 20.43
N ASP D 114 -26.90 4.67 19.57
CA ASP D 114 -27.71 3.46 19.76
C ASP D 114 -26.91 2.31 20.38
N ALA D 115 -25.73 2.62 20.92
CA ALA D 115 -24.89 1.59 21.53
C ALA D 115 -25.63 0.89 22.65
N LEU D 116 -26.36 1.67 23.45
CA LEU D 116 -27.00 1.15 24.65
C LEU D 116 -28.35 1.80 24.87
N GLU D 117 -29.25 1.07 25.50
CA GLU D 117 -30.55 1.61 25.91
C GLU D 117 -30.48 2.05 27.36
N PRO D 118 -31.30 3.04 27.74
CA PRO D 118 -31.32 3.49 29.12
C PRO D 118 -31.47 2.33 30.11
N GLY D 119 -30.72 2.38 31.20
CA GLY D 119 -30.85 1.38 32.26
C GLY D 119 -29.87 0.22 32.15
N GLN D 120 -29.44 -0.09 30.93
CA GLN D 120 -28.59 -1.26 30.71
C GLN D 120 -27.26 -1.10 31.45
N ARG D 121 -26.78 -2.21 32.02
CA ARG D 121 -25.65 -2.17 32.94
C ARG D 121 -24.36 -2.60 32.25
N VAL D 122 -23.32 -1.81 32.43
CA VAL D 122 -22.08 -1.96 31.69
CA VAL D 122 -22.07 -2.02 31.71
C VAL D 122 -20.88 -2.01 32.65
N VAL D 123 -19.89 -2.82 32.31
CA VAL D 123 -18.58 -2.76 32.94
C VAL D 123 -17.60 -2.28 31.88
N VAL D 124 -16.83 -1.26 32.22
CA VAL D 124 -15.88 -0.68 31.28
C VAL D 124 -14.52 -1.35 31.45
N VAL D 125 -13.88 -1.70 30.34
CA VAL D 125 -12.53 -2.26 30.39
C VAL D 125 -11.52 -1.47 29.56
N ASP D 126 -10.36 -1.25 30.16
CA ASP D 126 -9.22 -0.67 29.45
C ASP D 126 -7.96 -1.40 29.91
N ASP D 127 -6.88 -1.26 29.15
CA ASP D 127 -5.64 -1.96 29.47
C ASP D 127 -4.97 -1.40 30.72
N LEU D 128 -5.01 -0.09 30.90
CA LEU D 128 -4.21 0.57 31.92
C LEU D 128 -4.93 1.83 32.43
N LEU D 129 -4.88 2.02 33.75
CA LEU D 129 -5.42 3.24 34.35
C LEU D 129 -4.29 4.12 34.86
N ALA D 130 -4.21 5.34 34.35
CA ALA D 130 -3.23 6.31 34.80
C ALA D 130 -3.94 7.43 35.55
N THR D 131 -4.15 8.55 34.87
CA THR D 131 -4.81 9.70 35.49
C THR D 131 -6.30 9.43 35.67
N GLY D 132 -6.82 8.48 34.90
CA GLY D 132 -8.24 8.13 34.94
C GLY D 132 -9.08 8.98 34.00
N GLY D 133 -8.42 9.81 33.21
CA GLY D 133 -9.12 10.73 32.32
C GLY D 133 -9.88 10.02 31.21
N THR D 134 -9.24 9.01 30.63
CA THR D 134 -9.85 8.21 29.57
C THR D 134 -11.07 7.46 30.09
N MET D 135 -10.89 6.76 31.20
CA MET D 135 -11.94 5.92 31.75
C MET D 135 -13.11 6.79 32.20
N ASN D 136 -12.79 7.94 32.77
CA ASN D 136 -13.81 8.91 33.17
C ASN D 136 -14.61 9.42 31.97
N ALA D 137 -13.91 9.75 30.89
CA ALA D 137 -14.58 10.23 29.69
C ALA D 137 -15.53 9.15 29.17
N ALA D 138 -15.10 7.90 29.30
CA ALA D 138 -15.91 6.77 28.86
C ALA D 138 -17.17 6.64 29.72
N CYS D 139 -17.02 6.86 31.02
CA CYS D 139 -18.15 6.82 31.93
C CYS D 139 -19.14 7.95 31.64
N GLU D 140 -18.60 9.14 31.35
CA GLU D 140 -19.43 10.27 30.97
C GLU D 140 -20.30 9.93 29.76
N LEU D 141 -19.68 9.36 28.73
CA LEU D 141 -20.40 9.00 27.51
C LEU D 141 -21.51 8.00 27.78
N LEU D 142 -21.19 6.98 28.58
CA LEU D 142 -22.18 5.98 28.99
C LEU D 142 -23.28 6.63 29.84
N GLY D 143 -22.89 7.59 30.66
CA GLY D 143 -23.84 8.33 31.49
C GLY D 143 -24.84 9.09 30.66
N ARG D 144 -24.40 9.58 29.51
CA ARG D 144 -25.26 10.35 28.61
C ARG D 144 -26.26 9.48 27.89
N LEU D 145 -25.97 8.19 27.81
CA LEU D 145 -26.91 7.23 27.23
C LEU D 145 -27.77 6.63 28.34
N GLN D 146 -27.56 7.11 29.56
CA GLN D 146 -28.33 6.65 30.72
C GLN D 146 -28.04 5.20 31.06
N ALA D 147 -26.86 4.73 30.69
CA ALA D 147 -26.41 3.41 31.12
C ALA D 147 -26.01 3.45 32.58
N GLU D 148 -26.04 2.28 33.22
CA GLU D 148 -25.51 2.14 34.57
C GLU D 148 -24.12 1.51 34.52
N VAL D 149 -23.10 2.28 34.89
CA VAL D 149 -21.74 1.76 34.95
C VAL D 149 -21.49 1.09 36.30
N LEU D 150 -21.40 -0.23 36.30
CA LEU D 150 -21.28 -1.01 37.53
C LEU D 150 -19.87 -0.96 38.11
N GLU D 151 -18.90 -0.92 37.21
CA GLU D 151 -17.50 -1.00 37.62
C GLU D 151 -16.59 -0.71 36.42
N CYS D 152 -15.39 -0.22 36.69
CA CYS D 152 -14.34 -0.14 35.70
C CYS D 152 -13.19 -1.08 36.06
N VAL D 153 -12.60 -1.70 35.05
CA VAL D 153 -11.48 -2.61 35.28
C VAL D 153 -10.34 -2.40 34.30
N SER D 154 -9.13 -2.71 34.75
CA SER D 154 -7.97 -2.69 33.89
C SER D 154 -6.94 -3.73 34.31
N LEU D 155 -6.01 -4.02 33.42
CA LEU D 155 -4.86 -4.88 33.74
C LEU D 155 -3.91 -4.19 34.71
N VAL D 156 -3.59 -2.95 34.40
CA VAL D 156 -2.58 -2.21 35.14
C VAL D 156 -3.16 -0.92 35.71
N GLU D 157 -2.73 -0.58 36.91
CA GLU D 157 -3.09 0.68 37.56
C GLU D 157 -1.82 1.39 38.06
N LEU D 158 -1.71 2.67 37.74
CA LEU D 158 -0.59 3.49 38.19
C LEU D 158 -1.01 4.36 39.37
N THR D 159 -0.79 3.86 40.58
CA THR D 159 -1.52 4.34 41.75
C THR D 159 -1.17 5.78 42.14
N SER D 160 0.05 6.21 41.80
CA SER D 160 0.49 7.56 42.15
C SER D 160 -0.25 8.64 41.35
N LEU D 161 -0.94 8.23 40.29
CA LEU D 161 -1.68 9.17 39.44
C LEU D 161 -3.14 9.32 39.87
N LYS D 162 -3.55 8.55 40.86
CA LYS D 162 -4.85 8.76 41.53
C LYS D 162 -6.05 8.62 40.60
N GLY D 163 -5.95 7.72 39.64
CA GLY D 163 -7.06 7.45 38.72
C GLY D 163 -8.29 6.91 39.43
N ARG D 164 -8.06 6.06 40.42
CA ARG D 164 -9.13 5.46 41.24
C ARG D 164 -10.02 6.55 41.87
N GLU D 165 -9.42 7.66 42.29
CA GLU D 165 -10.16 8.73 42.98
C GLU D 165 -11.04 9.54 42.01
N LYS D 166 -10.62 9.62 40.76
CA LYS D 166 -11.39 10.32 39.73
C LYS D 166 -12.62 9.53 39.31
N LEU D 167 -12.57 8.22 39.50
CA LEU D 167 -13.71 7.36 39.15
C LEU D 167 -14.69 7.21 40.31
N ALA D 168 -14.20 7.37 41.54
CA ALA D 168 -15.03 7.24 42.74
C ALA D 168 -16.32 8.04 42.56
N PRO D 169 -17.46 7.45 42.92
CA PRO D 169 -17.52 6.25 43.73
C PRO D 169 -17.73 4.98 42.90
N VAL D 170 -17.55 5.08 41.60
CA VAL D 170 -17.58 3.90 40.74
C VAL D 170 -16.46 2.95 41.14
N PRO D 171 -16.80 1.70 41.45
CA PRO D 171 -15.82 0.68 41.82
C PRO D 171 -14.78 0.48 40.73
N PHE D 172 -13.52 0.39 41.13
CA PHE D 172 -12.45 0.07 40.18
C PHE D 172 -11.63 -1.13 40.65
N PHE D 173 -11.23 -1.94 39.69
CA PHE D 173 -10.41 -3.12 39.98
C PHE D 173 -9.34 -3.30 38.90
N SER D 174 -8.10 -3.45 39.36
CA SER D 174 -6.99 -3.75 38.46
C SER D 174 -6.25 -4.98 38.96
N LEU D 175 -5.65 -5.72 38.02
CA LEU D 175 -4.84 -6.89 38.36
C LEU D 175 -3.49 -6.49 38.95
N LEU D 176 -2.88 -5.47 38.36
CA LEU D 176 -1.51 -5.08 38.72
C LEU D 176 -1.44 -3.62 39.14
N GLN D 177 -0.60 -3.33 40.13
CA GLN D 177 -0.41 -1.97 40.60
C GLN D 177 1.06 -1.57 40.60
N TYR D 178 1.32 -0.39 40.06
CA TYR D 178 2.63 0.26 40.18
C TYR D 178 2.44 1.67 40.70
N GLU D 179 3.42 2.18 41.43
CA GLU D 179 3.42 3.59 41.79
C GLU D 179 3.22 4.44 40.55
#